data_3LM1
#
_entry.id   3LM1
#
_cell.length_a   69.090
_cell.length_b   133.290
_cell.length_c   200.050
_cell.angle_alpha   90.00
_cell.angle_beta   90.00
_cell.angle_gamma   90.00
#
_symmetry.space_group_name_H-M   'P 21 21 21'
#
loop_
_entity.id
_entity.type
_entity.pdbx_description
1 polymer 'Agglutinin alpha chain'
2 polymer 'Agglutinin beta-2 chain'
3 non-polymer '4-nitrophenyl 2-acetamido-2-deoxy-beta-D-glucopyranoside'
4 water water
#
loop_
_entity_poly.entity_id
_entity_poly.type
_entity_poly.pdbx_seq_one_letter_code
_entity_poly.pdbx_strand_id
1 'polypeptide(L)'
;GVTFDDGAYTGIREINFEYNSETAIGGLRVTYDLNGMPFVAEDHKSFITGFKPVKISLEFPSEYIVEVSGYVGKVEGYTV
IRSLTFKTNKQTYGPYGVTNGTPFSLPIENGLIVGFKGSIGYWLDYFSIYLSL
;
A,C,E,G,I,K,M,O
2 'polypeptide(L)' RNGKSQSIIVGPWGD B,D,F,H,J,L,N,P
#
loop_
_chem_comp.id
_chem_comp.type
_chem_comp.name
_chem_comp.formula
LEC D-saccharide '4-nitrophenyl 2-acetamido-2-deoxy-beta-D-glucopyranoside' 'C14 H18 N2 O8'
#
# COMPACT_ATOMS: atom_id res chain seq x y z
N GLY A 1 6.68 7.28 -4.11
CA GLY A 1 6.56 8.69 -3.66
C GLY A 1 6.10 8.80 -2.22
N VAL A 2 5.79 10.01 -1.78
CA VAL A 2 5.33 10.25 -0.42
C VAL A 2 3.81 10.36 -0.40
N THR A 3 3.18 9.53 0.42
CA THR A 3 1.73 9.54 0.50
C THR A 3 1.21 10.75 1.26
N PHE A 4 -0.04 11.08 0.98
CA PHE A 4 -0.72 12.17 1.67
C PHE A 4 -2.18 11.79 1.78
N ASP A 5 -2.89 12.40 2.74
CA ASP A 5 -4.30 12.15 2.91
C ASP A 5 -4.89 13.37 3.56
N ASP A 6 -5.65 14.15 2.80
CA ASP A 6 -6.25 15.37 3.32
C ASP A 6 -7.41 15.11 4.26
N GLY A 7 -8.08 13.96 4.10
CA GLY A 7 -9.22 13.68 4.94
C GLY A 7 -10.49 14.18 4.27
N ALA A 8 -11.58 14.25 5.03
CA ALA A 8 -12.87 14.67 4.50
C ALA A 8 -13.33 16.02 5.04
N TYR A 9 -14.01 16.79 4.19
CA TYR A 9 -14.50 18.11 4.54
C TYR A 9 -15.94 18.25 4.03
N THR A 10 -16.43 19.48 3.85
CA THR A 10 -17.80 19.63 3.36
C THR A 10 -17.92 20.06 1.91
N GLY A 11 -16.78 20.18 1.23
CA GLY A 11 -16.84 20.57 -0.17
C GLY A 11 -15.49 21.03 -0.68
N ILE A 12 -15.46 21.50 -1.93
CA ILE A 12 -14.22 21.96 -2.54
C ILE A 12 -14.30 23.42 -3.00
N ARG A 13 -13.35 24.24 -2.58
CA ARG A 13 -13.31 25.64 -2.98
C ARG A 13 -12.26 25.89 -4.05
N GLU A 14 -11.10 25.25 -3.92
CA GLU A 14 -10.04 25.43 -4.89
C GLU A 14 -9.12 24.24 -5.08
N ILE A 15 -8.64 24.07 -6.31
CA ILE A 15 -7.70 23.01 -6.62
C ILE A 15 -6.54 23.59 -7.43
N ASN A 16 -5.35 23.55 -6.84
CA ASN A 16 -4.14 24.04 -7.47
C ASN A 16 -3.19 22.87 -7.68
N PHE A 17 -2.68 22.71 -8.88
CA PHE A 17 -1.75 21.62 -9.15
C PHE A 17 -0.79 21.95 -10.27
N GLU A 18 0.29 21.18 -10.35
CA GLU A 18 1.30 21.42 -11.37
C GLU A 18 1.19 20.36 -12.46
N TYR A 19 1.73 20.68 -13.63
CA TYR A 19 1.75 19.76 -14.75
C TYR A 19 2.88 20.16 -15.69
N ASN A 20 3.33 19.19 -16.47
CA ASN A 20 4.41 19.43 -17.43
C ASN A 20 3.97 18.78 -18.73
N SER A 21 3.86 19.60 -19.78
CA SER A 21 3.41 19.14 -21.08
C SER A 21 4.22 18.00 -21.68
N GLU A 22 5.34 17.65 -21.07
CA GLU A 22 6.17 16.57 -21.59
C GLU A 22 6.27 15.38 -20.66
N THR A 23 5.92 15.58 -19.39
CA THR A 23 5.98 14.49 -18.42
C THR A 23 4.63 14.13 -17.82
N ALA A 24 4.31 14.71 -16.66
CA ALA A 24 3.05 14.39 -16.00
C ALA A 24 2.65 15.42 -14.95
N ILE A 25 1.62 15.08 -14.17
CA ILE A 25 1.13 15.94 -13.11
C ILE A 25 2.15 15.98 -11.97
N GLY A 26 2.32 17.16 -11.39
CA GLY A 26 3.26 17.31 -10.30
C GLY A 26 2.57 17.46 -8.95
N GLY A 27 2.97 18.49 -8.22
CA GLY A 27 2.39 18.75 -6.91
C GLY A 27 0.92 19.12 -6.96
N LEU A 28 0.30 19.08 -5.78
CA LEU A 28 -1.12 19.37 -5.65
C LEU A 28 -1.44 20.01 -4.30
N ARG A 29 -2.34 20.98 -4.31
CA ARG A 29 -2.76 21.64 -3.08
C ARG A 29 -4.24 21.98 -3.19
N VAL A 30 -5.03 21.43 -2.27
CA VAL A 30 -6.47 21.66 -2.30
C VAL A 30 -6.98 22.52 -1.17
N THR A 31 -7.91 23.42 -1.49
CA THR A 31 -8.53 24.24 -0.47
C THR A 31 -9.96 23.73 -0.41
N TYR A 32 -10.35 23.26 0.76
CA TYR A 32 -11.68 22.70 0.94
C TYR A 32 -12.60 23.67 1.62
N ASP A 33 -13.87 23.33 1.60
CA ASP A 33 -14.84 24.12 2.34
C ASP A 33 -15.08 23.28 3.58
N LEU A 34 -15.05 23.94 4.72
CA LEU A 34 -15.30 23.28 5.98
C LEU A 34 -16.38 24.08 6.68
N ASN A 35 -17.62 23.62 6.54
CA ASN A 35 -18.74 24.26 7.21
C ASN A 35 -18.94 25.75 6.89
N GLY A 36 -18.76 26.12 5.63
CA GLY A 36 -18.95 27.51 5.27
C GLY A 36 -17.69 28.35 5.23
N MET A 37 -16.59 27.83 5.72
CA MET A 37 -15.34 28.58 5.67
C MET A 37 -14.27 27.73 4.99
N PRO A 38 -13.27 28.39 4.41
CA PRO A 38 -12.22 27.62 3.74
C PRO A 38 -11.25 26.92 4.67
N PHE A 39 -10.67 25.84 4.16
CA PHE A 39 -9.66 25.12 4.91
C PHE A 39 -8.60 24.73 3.90
N VAL A 40 -7.52 25.50 3.91
CA VAL A 40 -6.41 25.26 3.01
C VAL A 40 -5.63 24.05 3.51
N ALA A 41 -5.66 22.97 2.73
CA ALA A 41 -4.95 21.77 3.15
C ALA A 41 -3.48 21.94 2.84
N GLU A 42 -2.68 21.01 3.33
CA GLU A 42 -1.25 21.00 3.14
C GLU A 42 -0.87 20.89 1.66
N ASP A 43 0.22 21.54 1.29
CA ASP A 43 0.71 21.51 -0.08
C ASP A 43 1.49 20.21 -0.28
N HIS A 44 1.09 19.40 -1.25
CA HIS A 44 1.77 18.15 -1.51
C HIS A 44 2.67 18.36 -2.73
N LYS A 45 3.93 18.62 -2.42
CA LYS A 45 4.93 18.95 -3.42
C LYS A 45 5.61 17.81 -4.15
N SER A 46 5.95 18.09 -5.40
CA SER A 46 6.68 17.16 -6.22
C SER A 46 8.12 17.20 -5.72
N PHE A 47 8.89 16.17 -6.03
CA PHE A 47 10.30 16.13 -5.63
C PHE A 47 11.13 17.07 -6.48
N ILE A 48 10.61 17.42 -7.67
CA ILE A 48 11.34 18.30 -8.59
C ILE A 48 10.54 19.55 -8.96
N THR A 49 11.15 20.40 -9.80
CA THR A 49 10.52 21.63 -10.24
C THR A 49 10.39 21.63 -11.76
N GLY A 50 10.09 22.78 -12.35
CA GLY A 50 9.93 22.88 -13.80
C GLY A 50 8.51 22.69 -14.30
N PHE A 51 7.53 22.79 -13.40
CA PHE A 51 6.11 22.61 -13.75
C PHE A 51 5.36 23.91 -14.05
N LYS A 52 4.18 23.78 -14.64
CA LYS A 52 3.31 24.92 -14.93
C LYS A 52 2.16 24.84 -13.94
N PRO A 53 1.96 25.87 -13.13
CA PRO A 53 0.83 25.77 -12.20
C PRO A 53 -0.51 26.17 -12.81
N VAL A 54 -1.58 25.58 -12.27
CA VAL A 54 -2.94 25.88 -12.70
C VAL A 54 -3.75 26.01 -11.41
N LYS A 55 -4.53 27.08 -11.30
CA LYS A 55 -5.35 27.31 -10.13
C LYS A 55 -6.81 27.36 -10.50
N ILE A 56 -7.57 26.39 -10.00
CA ILE A 56 -9.00 26.33 -10.28
C ILE A 56 -9.78 26.82 -9.08
N SER A 57 -10.46 27.94 -9.25
CA SER A 57 -11.26 28.53 -8.19
C SER A 57 -12.69 28.27 -8.54
N LEU A 58 -13.41 27.61 -7.64
CA LEU A 58 -14.80 27.33 -7.91
C LEU A 58 -15.69 28.34 -7.23
N GLU A 59 -16.82 28.59 -7.88
CA GLU A 59 -17.79 29.54 -7.36
C GLU A 59 -18.44 28.67 -6.31
N PHE A 60 -18.02 28.74 -5.04
CA PHE A 60 -18.57 27.82 -4.04
C PHE A 60 -20.08 27.62 -4.11
N PRO A 61 -20.81 27.26 -2.99
CA PRO A 61 -22.21 27.07 -3.34
C PRO A 61 -22.53 26.45 -4.69
N SER A 62 -22.92 27.31 -5.63
CA SER A 62 -23.36 26.85 -6.93
C SER A 62 -22.51 25.92 -7.77
N GLU A 63 -21.19 26.12 -7.80
CA GLU A 63 -20.34 25.27 -8.63
C GLU A 63 -19.66 24.10 -7.91
N TYR A 64 -19.72 22.93 -8.52
CA TYR A 64 -19.10 21.74 -7.95
C TYR A 64 -18.73 20.73 -9.05
N ILE A 65 -17.68 19.96 -8.78
CA ILE A 65 -17.17 18.96 -9.71
C ILE A 65 -18.15 17.80 -9.90
N VAL A 66 -18.42 17.47 -11.16
CA VAL A 66 -19.33 16.37 -11.47
C VAL A 66 -18.57 15.21 -12.10
N GLU A 67 -17.29 15.44 -12.39
CA GLU A 67 -16.45 14.39 -12.98
C GLU A 67 -14.96 14.72 -13.02
N VAL A 68 -14.15 13.75 -12.64
CA VAL A 68 -12.70 13.90 -12.67
C VAL A 68 -12.23 12.84 -13.65
N SER A 69 -11.36 13.22 -14.58
CA SER A 69 -10.83 12.28 -15.55
C SER A 69 -9.41 12.64 -15.91
N GLY A 70 -8.75 11.76 -16.64
CA GLY A 70 -7.38 12.04 -17.02
C GLY A 70 -6.73 10.84 -17.67
N TYR A 71 -5.39 10.87 -17.72
CA TYR A 71 -4.61 9.80 -18.31
C TYR A 71 -3.52 9.28 -17.39
N VAL A 72 -3.33 7.96 -17.45
CA VAL A 72 -2.32 7.28 -16.66
C VAL A 72 -1.32 6.66 -17.64
N GLY A 73 -0.03 6.89 -17.42
CA GLY A 73 0.98 6.36 -18.30
C GLY A 73 2.36 6.35 -17.65
N LYS A 74 3.35 5.81 -18.35
CA LYS A 74 4.68 5.73 -17.79
C LYS A 74 5.60 6.89 -18.17
N VAL A 75 6.35 7.36 -17.19
CA VAL A 75 7.32 8.42 -17.37
C VAL A 75 8.56 7.95 -16.61
N GLU A 76 9.67 7.77 -17.33
CA GLU A 76 10.90 7.29 -16.72
C GLU A 76 10.64 5.95 -16.05
N GLY A 77 9.75 5.16 -16.66
CA GLY A 77 9.43 3.83 -16.14
C GLY A 77 8.36 3.76 -15.06
N TYR A 78 8.00 4.90 -14.49
CA TYR A 78 7.00 4.93 -13.43
C TYR A 78 5.59 5.23 -13.96
N THR A 79 4.61 4.51 -13.43
CA THR A 79 3.22 4.69 -13.81
C THR A 79 2.69 5.83 -12.95
N VAL A 80 2.34 6.94 -13.60
CA VAL A 80 1.86 8.11 -12.89
C VAL A 80 0.68 8.79 -13.62
N ILE A 81 0.04 9.74 -12.93
CA ILE A 81 -1.06 10.48 -13.54
C ILE A 81 -0.41 11.53 -14.44
N ARG A 82 -0.65 11.42 -15.74
CA ARG A 82 -0.07 12.33 -16.71
C ARG A 82 -0.95 13.48 -17.13
N SER A 83 -2.26 13.33 -16.94
CA SER A 83 -3.19 14.38 -17.32
C SER A 83 -4.41 14.41 -16.41
N LEU A 84 -4.98 15.60 -16.26
CA LEU A 84 -6.18 15.77 -15.43
C LEU A 84 -7.18 16.73 -16.06
N THR A 85 -8.45 16.44 -15.86
CA THR A 85 -9.54 17.28 -16.35
C THR A 85 -10.64 17.28 -15.29
N PHE A 86 -11.02 18.48 -14.85
CA PHE A 86 -12.08 18.59 -13.86
C PHE A 86 -13.29 19.27 -14.50
N LYS A 87 -14.39 18.52 -14.56
CA LYS A 87 -15.61 19.03 -15.15
C LYS A 87 -16.57 19.35 -14.02
N THR A 88 -17.11 20.56 -14.00
CA THR A 88 -18.06 20.95 -12.97
C THR A 88 -19.41 21.12 -13.64
N ASN A 89 -20.42 21.50 -12.87
CA ASN A 89 -21.75 21.71 -13.43
C ASN A 89 -21.79 23.03 -14.20
N LYS A 90 -20.74 23.83 -14.06
CA LYS A 90 -20.66 25.11 -14.75
C LYS A 90 -19.76 25.08 -15.99
N GLN A 91 -18.61 24.42 -15.89
CA GLN A 91 -17.70 24.33 -17.03
C GLN A 91 -16.65 23.23 -16.90
N THR A 92 -15.80 23.13 -17.90
CA THR A 92 -14.74 22.13 -17.92
C THR A 92 -13.37 22.80 -17.84
N TYR A 93 -12.57 22.39 -16.86
CA TYR A 93 -11.24 22.95 -16.75
C TYR A 93 -10.41 21.95 -17.54
N GLY A 94 -10.43 22.21 -18.85
CA GLY A 94 -9.78 21.42 -19.89
C GLY A 94 -8.59 20.57 -19.53
N PRO A 95 -8.16 19.65 -20.41
CA PRO A 95 -7.02 18.78 -20.12
C PRO A 95 -5.75 19.56 -19.80
N TYR A 96 -5.06 19.12 -18.76
CA TYR A 96 -3.80 19.72 -18.35
C TYR A 96 -2.83 18.56 -18.29
N GLY A 97 -1.67 18.70 -18.91
CA GLY A 97 -0.70 17.62 -18.88
C GLY A 97 -0.67 16.84 -20.19
N VAL A 98 -0.08 15.66 -20.17
CA VAL A 98 0.02 14.82 -21.36
C VAL A 98 -1.15 13.84 -21.43
N THR A 99 -1.96 13.96 -22.47
CA THR A 99 -3.11 13.08 -22.62
C THR A 99 -2.82 11.79 -23.37
N ASN A 100 -1.77 11.09 -22.94
CA ASN A 100 -1.42 9.83 -23.57
C ASN A 100 -1.38 8.74 -22.51
N GLY A 101 -1.62 7.50 -22.93
CA GLY A 101 -1.61 6.39 -22.01
C GLY A 101 -2.98 5.73 -21.85
N THR A 102 -3.34 5.43 -20.62
CA THR A 102 -4.62 4.80 -20.33
C THR A 102 -5.55 5.82 -19.67
N PRO A 103 -6.71 6.08 -20.30
CA PRO A 103 -7.68 7.04 -19.76
C PRO A 103 -8.44 6.46 -18.57
N PHE A 104 -8.84 7.33 -17.66
CA PHE A 104 -9.60 6.91 -16.49
C PHE A 104 -10.61 8.01 -16.21
N SER A 105 -11.66 7.68 -15.47
CA SER A 105 -12.66 8.69 -15.14
C SER A 105 -13.57 8.30 -13.99
N LEU A 106 -13.95 9.29 -13.21
CA LEU A 106 -14.87 9.08 -12.12
C LEU A 106 -16.01 10.06 -12.35
N PRO A 107 -17.05 9.64 -13.12
CA PRO A 107 -18.15 10.58 -13.31
C PRO A 107 -19.03 10.41 -12.08
N ILE A 108 -19.57 11.51 -11.57
CA ILE A 108 -20.41 11.42 -10.38
C ILE A 108 -21.86 11.77 -10.75
N GLU A 109 -22.75 10.78 -10.63
CA GLU A 109 -24.16 10.98 -10.96
C GLU A 109 -24.82 11.75 -9.82
N ASN A 110 -24.51 11.35 -8.58
CA ASN A 110 -25.03 12.03 -7.41
C ASN A 110 -24.04 11.91 -6.26
N GLY A 111 -23.73 13.04 -5.64
CA GLY A 111 -22.79 13.04 -4.54
C GLY A 111 -21.77 14.15 -4.71
N LEU A 112 -20.88 14.29 -3.75
CA LEU A 112 -19.86 15.33 -3.81
C LEU A 112 -18.48 14.87 -3.38
N ILE A 113 -17.46 15.41 -4.04
CA ILE A 113 -16.08 15.11 -3.68
C ILE A 113 -15.84 15.95 -2.44
N VAL A 114 -15.31 15.34 -1.38
CA VAL A 114 -15.07 16.09 -0.15
C VAL A 114 -13.65 15.90 0.39
N GLY A 115 -12.77 15.34 -0.44
CA GLY A 115 -11.40 15.14 -0.01
C GLY A 115 -10.56 14.35 -0.99
N PHE A 116 -9.24 14.52 -0.90
CA PHE A 116 -8.32 13.78 -1.76
C PHE A 116 -7.21 13.13 -0.93
N LYS A 117 -6.65 12.05 -1.46
CA LYS A 117 -5.54 11.35 -0.82
C LYS A 117 -4.76 10.72 -1.97
N GLY A 118 -3.49 10.41 -1.75
CA GLY A 118 -2.71 9.80 -2.82
C GLY A 118 -1.24 9.69 -2.50
N SER A 119 -0.41 9.86 -3.52
CA SER A 119 1.04 9.78 -3.36
C SER A 119 1.72 10.62 -4.44
N ILE A 120 2.78 11.31 -4.07
CA ILE A 120 3.51 12.12 -5.04
C ILE A 120 5.02 11.98 -4.88
N GLY A 121 5.69 11.67 -5.98
CA GLY A 121 7.13 11.56 -5.99
C GLY A 121 7.55 12.69 -6.91
N TYR A 122 8.15 12.37 -8.04
CA TYR A 122 8.51 13.40 -9.01
C TYR A 122 7.17 13.87 -9.55
N TRP A 123 6.24 12.93 -9.69
CA TRP A 123 4.91 13.20 -10.19
C TRP A 123 3.82 12.54 -9.36
N LEU A 124 2.58 12.90 -9.63
CA LEU A 124 1.44 12.32 -8.93
C LEU A 124 1.40 10.82 -9.29
N ASP A 125 1.67 9.96 -8.31
CA ASP A 125 1.69 8.52 -8.56
C ASP A 125 0.30 7.95 -8.70
N TYR A 126 -0.59 8.37 -7.80
CA TYR A 126 -1.97 7.92 -7.81
C TYR A 126 -2.74 8.79 -6.83
N PHE A 127 -4.07 8.69 -6.87
CA PHE A 127 -4.89 9.46 -5.95
C PHE A 127 -6.26 8.83 -5.80
N SER A 128 -6.90 9.10 -4.66
CA SER A 128 -8.22 8.58 -4.37
C SER A 128 -9.12 9.76 -4.01
N ILE A 129 -10.42 9.52 -4.03
CA ILE A 129 -11.38 10.57 -3.77
C ILE A 129 -12.39 10.23 -2.70
N TYR A 130 -12.61 11.18 -1.79
CA TYR A 130 -13.61 11.02 -0.74
C TYR A 130 -14.95 11.47 -1.32
N LEU A 131 -15.98 10.67 -1.17
CA LEU A 131 -17.30 11.01 -1.68
C LEU A 131 -18.33 11.06 -0.55
N SER A 132 -19.26 11.99 -0.65
CA SER A 132 -20.30 12.13 0.36
C SER A 132 -21.46 12.94 -0.18
N LEU A 133 -22.60 12.85 0.53
CA LEU A 133 -23.77 13.63 0.16
C LEU A 133 -23.63 14.92 0.96
N ARG B 1 -17.46 0.14 17.21
CA ARG B 1 -16.32 0.75 16.46
C ARG B 1 -15.62 1.79 17.32
N ASN B 2 -15.12 2.84 16.68
CA ASN B 2 -14.43 3.91 17.39
C ASN B 2 -15.11 5.24 17.10
N GLY B 3 -14.65 6.31 17.76
CA GLY B 3 -15.26 7.61 17.58
C GLY B 3 -14.91 8.36 16.31
N LYS B 4 -14.25 7.70 15.36
CA LYS B 4 -13.86 8.37 14.12
C LYS B 4 -14.92 8.19 13.02
N SER B 5 -15.42 9.30 12.49
CA SER B 5 -16.40 9.21 11.42
C SER B 5 -15.77 8.61 10.18
N GLN B 6 -16.51 7.72 9.52
CA GLN B 6 -16.03 7.04 8.31
C GLN B 6 -16.48 7.77 7.05
N SER B 7 -15.74 7.57 5.96
CA SER B 7 -16.05 8.21 4.68
C SER B 7 -15.95 7.20 3.55
N ILE B 8 -16.71 7.44 2.50
CA ILE B 8 -16.66 6.58 1.32
C ILE B 8 -15.45 7.08 0.54
N ILE B 9 -14.61 6.16 0.09
CA ILE B 9 -13.43 6.53 -0.66
C ILE B 9 -13.32 5.62 -1.86
N VAL B 10 -13.30 6.20 -3.05
CA VAL B 10 -13.19 5.36 -4.24
C VAL B 10 -11.74 5.20 -4.67
N GLY B 11 -11.33 3.93 -4.64
CA GLY B 11 -9.99 3.46 -4.96
C GLY B 11 -9.14 4.38 -5.76
N PRO B 12 -7.81 4.18 -5.71
CA PRO B 12 -6.83 4.99 -6.42
C PRO B 12 -6.78 4.72 -7.92
N TRP B 13 -6.40 5.74 -8.67
CA TRP B 13 -6.23 5.67 -10.10
C TRP B 13 -4.78 6.09 -10.31
N GLY B 14 -4.08 5.37 -11.18
CA GLY B 14 -2.68 5.67 -11.45
C GLY B 14 -1.71 4.64 -10.89
N ASP B 15 -2.22 3.75 -10.04
CA ASP B 15 -1.40 2.72 -9.39
C ASP B 15 -0.06 3.23 -8.91
N GLY C 1 49.63 9.44 -10.34
CA GLY C 1 48.75 10.62 -10.13
C GLY C 1 48.02 10.53 -8.81
N VAL C 2 46.96 11.31 -8.67
CA VAL C 2 46.16 11.31 -7.46
C VAL C 2 45.03 10.30 -7.61
N THR C 3 44.97 9.35 -6.70
CA THR C 3 43.95 8.32 -6.74
C THR C 3 42.61 8.86 -6.24
N PHE C 4 41.52 8.24 -6.69
CA PHE C 4 40.20 8.63 -6.28
C PHE C 4 39.31 7.41 -6.28
N ASP C 5 38.23 7.47 -5.50
CA ASP C 5 37.28 6.38 -5.40
C ASP C 5 35.95 7.01 -4.99
N ASP C 6 35.01 7.13 -5.92
CA ASP C 6 33.71 7.74 -5.63
C ASP C 6 32.84 6.83 -4.76
N GLY C 7 33.05 5.53 -4.86
CA GLY C 7 32.24 4.60 -4.09
C GLY C 7 31.06 4.13 -4.91
N ALA C 8 30.05 3.53 -4.26
CA ALA C 8 28.89 3.00 -4.98
C ALA C 8 27.63 3.82 -4.74
N TYR C 9 26.78 3.90 -5.75
CA TYR C 9 25.53 4.67 -5.67
C TYR C 9 24.39 3.86 -6.26
N THR C 10 23.29 4.49 -6.63
CA THR C 10 22.19 3.71 -7.19
C THR C 10 22.09 3.79 -8.71
N GLY C 11 22.87 4.69 -9.31
CA GLY C 11 22.86 4.82 -10.74
C GLY C 11 23.73 5.98 -11.22
N ILE C 12 23.73 6.19 -12.53
CA ILE C 12 24.50 7.27 -13.14
C ILE C 12 23.60 8.23 -13.90
N ARG C 13 23.66 9.51 -13.51
CA ARG C 13 22.86 10.56 -14.15
C ARG C 13 23.70 11.36 -15.14
N GLU C 14 24.96 11.63 -14.79
CA GLU C 14 25.81 12.42 -15.68
C GLU C 14 27.31 12.13 -15.55
N ILE C 15 28.00 12.17 -16.68
CA ILE C 15 29.45 11.97 -16.70
C ILE C 15 30.14 13.09 -17.45
N ASN C 16 30.95 13.87 -16.72
CA ASN C 16 31.70 14.97 -17.33
C ASN C 16 33.17 14.61 -17.31
N PHE C 17 33.84 14.74 -18.45
CA PHE C 17 35.27 14.45 -18.49
C PHE C 17 36.00 15.21 -19.59
N GLU C 18 37.30 15.37 -19.42
CA GLU C 18 38.13 16.08 -20.38
C GLU C 18 38.85 15.11 -21.31
N TYR C 19 39.20 15.61 -22.49
CA TYR C 19 39.93 14.82 -23.47
C TYR C 19 40.68 15.76 -24.40
N ASN C 20 41.75 15.26 -25.02
CA ASN C 20 42.54 16.04 -25.95
C ASN C 20 42.82 15.12 -27.14
N SER C 21 42.42 15.56 -28.33
CA SER C 21 42.60 14.76 -29.54
C SER C 21 44.04 14.46 -29.92
N GLU C 22 44.97 14.94 -29.11
CA GLU C 22 46.38 14.69 -29.39
C GLU C 22 47.05 13.92 -28.27
N THR C 23 46.46 13.97 -27.07
CA THR C 23 47.04 13.27 -25.94
C THR C 23 46.18 12.16 -25.34
N ALA C 24 45.36 12.50 -24.35
CA ALA C 24 44.54 11.48 -23.70
C ALA C 24 43.40 12.08 -22.88
N ILE C 25 42.79 11.24 -22.05
CA ILE C 25 41.69 11.65 -21.18
C ILE C 25 42.23 12.46 -20.01
N GLY C 26 41.50 13.49 -19.62
CA GLY C 26 41.92 14.34 -18.51
C GLY C 26 41.09 14.11 -17.25
N GLY C 27 40.62 15.21 -16.67
CA GLY C 27 39.82 15.14 -15.45
C GLY C 27 38.48 14.45 -15.62
N LEU C 28 37.86 14.10 -14.50
CA LEU C 28 36.56 13.41 -14.49
C LEU C 28 35.68 13.77 -13.29
N ARG C 29 34.41 14.02 -13.56
CA ARG C 29 33.44 14.38 -12.52
C ARG C 29 32.12 13.67 -12.84
N VAL C 30 31.68 12.80 -11.93
CA VAL C 30 30.45 12.06 -12.16
C VAL C 30 29.31 12.47 -11.24
N THR C 31 28.12 12.58 -11.82
CA THR C 31 26.93 12.89 -11.07
C THR C 31 26.13 11.59 -11.05
N TYR C 32 26.04 10.99 -9.87
CA TYR C 32 25.35 9.72 -9.66
C TYR C 32 23.91 9.92 -9.23
N ASP C 33 23.17 8.83 -9.23
CA ASP C 33 21.81 8.88 -8.71
C ASP C 33 21.97 8.26 -7.32
N LEU C 34 21.33 8.87 -6.33
CA LEU C 34 21.38 8.34 -4.97
C LEU C 34 19.92 8.27 -4.54
N ASN C 35 19.36 7.08 -4.65
CA ASN C 35 17.99 6.85 -4.25
C ASN C 35 16.98 7.84 -4.83
N GLY C 36 17.06 8.07 -6.13
CA GLY C 36 16.13 8.97 -6.78
C GLY C 36 16.48 10.43 -6.94
N MET C 37 17.59 10.86 -6.37
CA MET C 37 18.01 12.25 -6.47
C MET C 37 19.49 12.30 -6.84
N PRO C 38 19.89 13.34 -7.59
CA PRO C 38 21.30 13.42 -7.97
C PRO C 38 22.26 13.55 -6.80
N PHE C 39 23.49 13.14 -7.04
CA PHE C 39 24.55 13.27 -6.07
C PHE C 39 25.81 13.52 -6.88
N VAL C 40 26.25 14.78 -6.85
CA VAL C 40 27.44 15.18 -7.59
C VAL C 40 28.66 14.77 -6.79
N ALA C 41 29.45 13.86 -7.37
CA ALA C 41 30.65 13.39 -6.71
C ALA C 41 31.75 14.44 -6.84
N GLU C 42 32.87 14.19 -6.20
CA GLU C 42 34.01 15.08 -6.24
C GLU C 42 34.59 15.19 -7.64
N ASP C 43 35.03 16.40 -8.01
CA ASP C 43 35.64 16.65 -9.31
C ASP C 43 37.10 16.16 -9.22
N HIS C 44 37.45 15.18 -10.04
CA HIS C 44 38.80 14.65 -10.05
C HIS C 44 39.53 15.34 -11.19
N LYS C 45 40.22 16.42 -10.85
CA LYS C 45 40.91 17.24 -11.82
C LYS C 45 42.27 16.77 -12.33
N SER C 46 42.55 17.15 -13.57
CA SER C 46 43.83 16.86 -14.19
C SER C 46 44.83 17.87 -13.64
N PHE C 47 46.12 17.57 -13.75
CA PHE C 47 47.16 18.46 -13.28
C PHE C 47 47.31 19.63 -14.26
N ILE C 48 46.86 19.45 -15.50
CA ILE C 48 47.01 20.50 -16.51
C ILE C 48 45.69 20.92 -17.19
N THR C 49 45.79 21.95 -18.03
CA THR C 49 44.62 22.43 -18.77
C THR C 49 44.77 22.10 -20.25
N GLY C 50 44.02 22.78 -21.11
CA GLY C 50 44.11 22.54 -22.54
C GLY C 50 43.24 21.40 -23.07
N PHE C 51 42.29 20.95 -22.27
CA PHE C 51 41.40 19.87 -22.66
C PHE C 51 40.07 20.36 -23.23
N LYS C 52 39.35 19.45 -23.88
CA LYS C 52 38.02 19.75 -24.41
C LYS C 52 37.04 18.98 -23.50
N PRO C 53 36.18 19.71 -22.77
CA PRO C 53 35.25 18.96 -21.92
C PRO C 53 34.04 18.40 -22.65
N VAL C 54 33.53 17.27 -22.15
CA VAL C 54 32.35 16.65 -22.72
C VAL C 54 31.42 16.32 -21.56
N LYS C 55 30.14 16.60 -21.73
CA LYS C 55 29.16 16.35 -20.69
C LYS C 55 28.10 15.36 -21.19
N ILE C 56 28.15 14.14 -20.68
CA ILE C 56 27.19 13.12 -21.06
C ILE C 56 26.03 13.12 -20.07
N SER C 57 24.92 13.75 -20.47
CA SER C 57 23.73 13.82 -19.63
C SER C 57 22.82 12.65 -20.00
N LEU C 58 22.85 11.61 -19.19
CA LEU C 58 22.02 10.44 -19.47
C LEU C 58 20.60 10.68 -18.97
N GLU C 59 19.62 10.10 -19.66
CA GLU C 59 18.23 10.22 -19.25
C GLU C 59 18.22 9.08 -18.25
N PHE C 60 18.46 9.41 -16.99
CA PHE C 60 18.61 8.39 -15.96
C PHE C 60 17.77 7.12 -15.84
N PRO C 61 16.58 7.17 -15.22
CA PRO C 61 16.02 5.82 -15.20
C PRO C 61 16.11 5.04 -16.50
N SER C 62 15.45 5.57 -17.53
CA SER C 62 15.38 4.88 -18.81
C SER C 62 16.69 4.60 -19.57
N GLU C 63 17.66 5.51 -19.48
CA GLU C 63 18.92 5.31 -20.18
C GLU C 63 20.10 4.97 -19.24
N TYR C 64 20.84 3.94 -19.60
CA TYR C 64 21.99 3.50 -18.81
C TYR C 64 23.08 2.93 -19.71
N ILE C 65 24.31 2.98 -19.22
CA ILE C 65 25.47 2.48 -19.94
C ILE C 65 25.44 0.96 -20.06
N VAL C 66 25.64 0.45 -21.27
CA VAL C 66 25.65 -1.00 -21.48
C VAL C 66 27.05 -1.45 -21.88
N GLU C 67 27.97 -0.49 -22.02
CA GLU C 67 29.34 -0.81 -22.36
C GLU C 67 30.27 0.38 -22.32
N VAL C 68 31.45 0.17 -21.76
CA VAL C 68 32.49 1.17 -21.69
C VAL C 68 33.70 0.56 -22.36
N SER C 69 34.30 1.32 -23.28
CA SER C 69 35.46 0.84 -24.00
C SER C 69 36.39 2.02 -24.24
N GLY C 70 37.57 1.76 -24.77
CA GLY C 70 38.51 2.82 -25.04
C GLY C 70 39.87 2.30 -25.42
N TYR C 71 40.89 3.13 -25.26
CA TYR C 71 42.26 2.77 -25.58
C TYR C 71 43.24 3.16 -24.49
N VAL C 72 44.26 2.33 -24.32
CA VAL C 72 45.30 2.55 -23.34
C VAL C 72 46.61 2.68 -24.10
N GLY C 73 47.34 3.77 -23.86
CA GLY C 73 48.59 3.97 -24.54
C GLY C 73 49.49 4.95 -23.80
N LYS C 74 50.69 5.18 -24.34
CA LYS C 74 51.62 6.08 -23.71
C LYS C 74 51.56 7.50 -24.24
N VAL C 75 51.76 8.45 -23.34
CA VAL C 75 51.79 9.88 -23.66
C VAL C 75 52.95 10.44 -22.83
N GLU C 76 53.97 10.94 -23.51
CA GLU C 76 55.15 11.49 -22.85
C GLU C 76 55.78 10.39 -22.00
N GLY C 77 55.65 9.14 -22.43
CA GLY C 77 56.21 8.04 -21.68
C GLY C 77 55.31 7.47 -20.59
N TYR C 78 54.16 8.10 -20.36
CA TYR C 78 53.23 7.61 -19.33
C TYR C 78 52.08 6.79 -19.92
N THR C 79 51.84 5.62 -19.34
CA THR C 79 50.75 4.75 -19.79
C THR C 79 49.45 5.30 -19.18
N VAL C 80 48.51 5.69 -20.04
CA VAL C 80 47.25 6.28 -19.58
C VAL C 80 46.10 5.92 -20.51
N ILE C 81 44.88 6.26 -20.09
CA ILE C 81 43.69 6.01 -20.90
C ILE C 81 43.67 7.15 -21.91
N ARG C 82 43.82 6.81 -23.18
CA ARG C 82 43.86 7.83 -24.24
C ARG C 82 42.51 8.09 -24.89
N SER C 83 41.63 7.11 -24.81
CA SER C 83 40.31 7.24 -25.42
C SER C 83 39.20 6.54 -24.65
N LEU C 84 38.00 7.09 -24.73
CA LEU C 84 36.84 6.52 -24.04
C LEU C 84 35.59 6.61 -24.90
N THR C 85 34.81 5.54 -24.87
CA THR C 85 33.55 5.48 -25.59
C THR C 85 32.51 4.86 -24.67
N PHE C 86 31.40 5.58 -24.48
CA PHE C 86 30.31 5.11 -23.63
C PHE C 86 29.09 4.77 -24.47
N LYS C 87 28.69 3.51 -24.44
CA LYS C 87 27.52 3.08 -25.18
C LYS C 87 26.39 2.81 -24.19
N THR C 88 25.23 3.40 -24.45
CA THR C 88 24.07 3.19 -23.60
C THR C 88 23.06 2.40 -24.40
N ASN C 89 21.88 2.20 -23.81
CA ASN C 89 20.83 1.45 -24.45
C ASN C 89 20.10 2.35 -25.45
N LYS C 90 20.40 3.64 -25.44
CA LYS C 90 19.76 4.59 -26.35
C LYS C 90 20.66 5.05 -27.47
N GLN C 91 21.96 5.20 -27.18
CA GLN C 91 22.88 5.66 -28.20
C GLN C 91 24.32 5.46 -27.75
N THR C 92 25.25 5.90 -28.59
CA THR C 92 26.66 5.81 -28.28
C THR C 92 27.26 7.20 -28.22
N TYR C 93 28.01 7.48 -27.16
CA TYR C 93 28.65 8.77 -27.02
C TYR C 93 30.04 8.49 -27.60
N GLY C 94 30.11 8.65 -28.92
CA GLY C 94 31.29 8.41 -29.74
C GLY C 94 32.63 8.50 -29.06
N PRO C 95 33.70 8.02 -29.72
CA PRO C 95 35.03 8.08 -29.13
C PRO C 95 35.47 9.50 -28.82
N TYR C 96 36.13 9.66 -27.68
CA TYR C 96 36.65 10.95 -27.28
C TYR C 96 38.11 10.73 -26.95
N GLY C 97 38.98 11.54 -27.53
CA GLY C 97 40.40 11.38 -27.27
C GLY C 97 41.13 10.75 -28.45
N VAL C 98 42.18 10.00 -28.15
CA VAL C 98 42.98 9.35 -29.19
C VAL C 98 42.83 7.84 -29.18
N THR C 99 42.18 7.32 -30.22
CA THR C 99 41.96 5.89 -30.32
C THR C 99 43.17 5.13 -30.87
N ASN C 100 44.29 5.22 -30.15
CA ASN C 100 45.52 4.54 -30.53
C ASN C 100 46.10 3.82 -29.32
N GLY C 101 46.66 2.63 -29.55
CA GLY C 101 47.24 1.87 -28.46
C GLY C 101 46.58 0.52 -28.28
N THR C 102 46.32 0.14 -27.04
CA THR C 102 45.70 -1.13 -26.73
C THR C 102 44.23 -0.94 -26.37
N PRO C 103 43.33 -1.61 -27.10
CA PRO C 103 41.91 -1.48 -26.84
C PRO C 103 41.49 -2.27 -25.60
N PHE C 104 40.34 -1.89 -25.05
CA PHE C 104 39.79 -2.55 -23.90
C PHE C 104 38.30 -2.27 -23.94
N SER C 105 37.51 -3.20 -23.41
CA SER C 105 36.07 -3.00 -23.41
C SER C 105 35.38 -3.79 -22.31
N LEU C 106 34.36 -3.18 -21.70
CA LEU C 106 33.61 -3.86 -20.67
C LEU C 106 32.15 -3.87 -21.11
N PRO C 107 31.76 -4.88 -21.92
CA PRO C 107 30.36 -4.91 -22.34
C PRO C 107 29.60 -5.48 -21.14
N ILE C 108 28.40 -4.97 -20.88
CA ILE C 108 27.61 -5.45 -19.76
C ILE C 108 26.32 -6.10 -20.28
N GLU C 109 26.21 -7.41 -20.07
CA GLU C 109 25.06 -8.17 -20.51
C GLU C 109 23.89 -7.95 -19.55
N ASN C 110 24.20 -7.89 -18.26
CA ASN C 110 23.20 -7.64 -17.24
C ASN C 110 23.88 -7.04 -16.03
N GLY C 111 23.33 -5.95 -15.52
CA GLY C 111 23.94 -5.29 -14.37
C GLY C 111 24.12 -3.81 -14.66
N LEU C 112 24.53 -3.06 -13.64
CA LEU C 112 24.69 -1.63 -13.79
C LEU C 112 25.97 -1.08 -13.21
N ILE C 113 26.51 -0.06 -13.88
CA ILE C 113 27.69 0.63 -13.40
C ILE C 113 27.13 1.53 -12.31
N VAL C 114 27.64 1.41 -11.08
CA VAL C 114 27.16 2.25 -9.99
C VAL C 114 28.26 3.08 -9.30
N GLY C 115 29.43 3.16 -9.92
CA GLY C 115 30.51 3.94 -9.33
C GLY C 115 31.82 3.80 -10.10
N PHE C 116 32.71 4.78 -9.92
CA PHE C 116 34.02 4.76 -10.58
C PHE C 116 35.10 5.06 -9.58
N LYS C 117 36.31 4.58 -9.87
CA LYS C 117 37.49 4.84 -9.05
C LYS C 117 38.67 4.77 -10.00
N GLY C 118 39.78 5.39 -9.60
CA GLY C 118 40.94 5.37 -10.47
C GLY C 118 42.04 6.32 -10.02
N SER C 119 42.75 6.90 -10.97
CA SER C 119 43.83 7.82 -10.69
C SER C 119 43.99 8.83 -11.82
N ILE C 120 44.35 10.06 -11.46
CA ILE C 120 44.53 11.09 -12.47
C ILE C 120 45.70 11.99 -12.10
N GLY C 121 46.56 12.24 -13.08
CA GLY C 121 47.70 13.12 -12.92
C GLY C 121 47.48 14.12 -14.03
N TYR C 122 48.31 14.08 -15.07
CA TYR C 122 48.13 14.96 -16.20
C TYR C 122 46.93 14.39 -16.96
N TRP C 123 46.87 13.06 -16.98
CA TRP C 123 45.81 12.33 -17.66
C TRP C 123 45.26 11.22 -16.78
N LEU C 124 44.17 10.61 -17.22
CA LEU C 124 43.55 9.52 -16.48
C LEU C 124 44.55 8.35 -16.56
N ASP C 125 45.11 7.98 -15.41
CA ASP C 125 46.10 6.90 -15.36
C ASP C 125 45.44 5.55 -15.54
N TYR C 126 44.36 5.34 -14.79
CA TYR C 126 43.61 4.09 -14.85
C TYR C 126 42.29 4.28 -14.11
N PHE C 127 41.37 3.32 -14.25
CA PHE C 127 40.09 3.41 -13.56
C PHE C 127 39.46 2.03 -13.44
N SER C 128 38.58 1.89 -12.46
CA SER C 128 37.85 0.65 -12.22
C SER C 128 36.38 1.01 -12.17
N ILE C 129 35.53 -0.01 -12.33
CA ILE C 129 34.10 0.20 -12.33
C ILE C 129 33.36 -0.65 -11.31
N TYR C 130 32.47 -0.01 -10.54
CA TYR C 130 31.65 -0.72 -9.57
C TYR C 130 30.45 -1.28 -10.35
N LEU C 131 30.16 -2.56 -10.18
CA LEU C 131 29.02 -3.19 -10.86
C LEU C 131 28.02 -3.72 -9.84
N SER C 132 26.74 -3.61 -10.16
CA SER C 132 25.70 -4.08 -9.25
C SER C 132 24.36 -4.25 -9.94
N LEU C 133 23.52 -5.05 -9.30
CA LEU C 133 22.19 -5.25 -9.85
C LEU C 133 21.45 -4.07 -9.25
N ASN D 2 32.96 -6.59 8.20
CA ASN D 2 32.53 -5.46 9.09
C ASN D 2 31.24 -4.82 8.60
N GLY D 3 30.93 -3.63 9.12
CA GLY D 3 29.70 -2.96 8.73
C GLY D 3 29.69 -2.22 7.40
N LYS D 4 30.76 -2.35 6.63
CA LYS D 4 30.85 -1.66 5.34
C LYS D 4 30.30 -2.51 4.19
N SER D 5 29.30 -1.98 3.48
CA SER D 5 28.72 -2.71 2.36
C SER D 5 29.77 -2.96 1.28
N GLN D 6 29.77 -4.17 0.73
CA GLN D 6 30.73 -4.56 -0.29
C GLN D 6 30.21 -4.39 -1.72
N SER D 7 31.13 -4.23 -2.67
CA SER D 7 30.74 -4.06 -4.07
C SER D 7 31.63 -4.83 -5.01
N ILE D 8 31.07 -5.20 -6.15
CA ILE D 8 31.83 -5.88 -7.18
C ILE D 8 32.54 -4.75 -7.91
N ILE D 9 33.82 -4.91 -8.14
CA ILE D 9 34.60 -3.91 -8.84
C ILE D 9 35.44 -4.62 -9.88
N VAL D 10 35.27 -4.28 -11.15
CA VAL D 10 36.08 -4.95 -12.14
C VAL D 10 37.38 -4.22 -12.37
N GLY D 11 38.46 -4.97 -12.10
CA GLY D 11 39.85 -4.54 -12.20
C GLY D 11 40.12 -3.32 -13.02
N PRO D 12 41.22 -2.60 -12.73
CA PRO D 12 41.61 -1.38 -13.44
C PRO D 12 42.00 -1.60 -14.89
N TRP D 13 41.85 -0.53 -15.67
CA TRP D 13 42.23 -0.49 -17.07
C TRP D 13 43.06 0.78 -17.16
N GLY D 14 44.22 0.72 -17.81
CA GLY D 14 45.02 1.93 -17.94
C GLY D 14 46.49 1.89 -17.56
N ASP D 15 46.83 1.26 -16.45
CA ASP D 15 48.23 1.22 -16.02
C ASP D 15 48.36 0.51 -14.68
N GLY E 1 -31.48 34.40 22.22
CA GLY E 1 -29.99 34.40 22.35
C GLY E 1 -29.32 34.47 21.00
N VAL E 2 -28.01 34.24 20.98
CA VAL E 2 -27.23 34.28 19.75
C VAL E 2 -27.08 32.85 19.23
N THR E 3 -27.57 32.61 18.02
CA THR E 3 -27.49 31.28 17.41
C THR E 3 -26.06 30.96 16.99
N PHE E 4 -25.74 29.67 16.93
CA PHE E 4 -24.43 29.22 16.49
C PHE E 4 -24.60 27.89 15.74
N ASP E 5 -23.60 27.53 14.95
CA ASP E 5 -23.65 26.29 14.19
C ASP E 5 -22.21 25.93 13.83
N ASP E 6 -21.63 24.98 14.57
CA ASP E 6 -20.25 24.56 14.30
C ASP E 6 -20.14 23.80 13.00
N GLY E 7 -21.23 23.14 12.59
CA GLY E 7 -21.18 22.35 11.38
C GLY E 7 -20.71 20.95 11.74
N ALA E 8 -20.25 20.19 10.75
CA ALA E 8 -19.82 18.80 10.95
C ALA E 8 -18.32 18.57 10.87
N TYR E 9 -17.85 17.58 11.63
CA TYR E 9 -16.44 17.22 11.69
C TYR E 9 -16.28 15.69 11.68
N THR E 10 -15.10 15.19 12.00
CA THR E 10 -14.92 13.74 11.99
C THR E 10 -15.07 13.10 13.36
N GLY E 11 -15.28 13.93 14.38
CA GLY E 11 -15.46 13.39 15.72
C GLY E 11 -15.38 14.45 16.80
N ILE E 12 -15.41 14.01 18.06
CA ILE E 12 -15.34 14.93 19.19
C ILE E 12 -14.17 14.61 20.11
N ARG E 13 -13.34 15.61 20.40
CA ARG E 13 -12.20 15.41 21.28
C ARG E 13 -12.44 15.98 22.66
N GLU E 14 -13.05 17.16 22.71
CA GLU E 14 -13.31 17.79 24.00
C GLU E 14 -14.53 18.69 23.98
N ILE E 15 -15.27 18.70 25.09
CA ILE E 15 -16.44 19.55 25.23
C ILE E 15 -16.29 20.36 26.50
N ASN E 16 -16.24 21.68 26.34
CA ASN E 16 -16.12 22.60 27.47
C ASN E 16 -17.43 23.39 27.58
N PHE E 17 -18.03 23.40 28.76
CA PHE E 17 -19.25 24.16 28.94
C PHE E 17 -19.48 24.61 30.37
N GLU E 18 -20.27 25.67 30.51
CA GLU E 18 -20.59 26.24 31.81
C GLU E 18 -21.95 25.76 32.30
N TYR E 19 -22.13 25.80 33.62
CA TYR E 19 -23.38 25.42 34.24
C TYR E 19 -23.45 26.10 35.60
N ASN E 20 -24.67 26.31 36.08
CA ASN E 20 -24.88 26.94 37.38
C ASN E 20 -25.90 26.09 38.13
N SER E 21 -25.53 25.64 39.32
CA SER E 21 -26.38 24.78 40.14
C SER E 21 -27.73 25.38 40.49
N GLU E 22 -27.93 26.66 40.18
CA GLU E 22 -29.20 27.30 40.51
C GLU E 22 -30.01 27.74 39.29
N THR E 23 -29.36 27.84 38.14
CA THR E 23 -30.05 28.26 36.93
C THR E 23 -30.02 27.23 35.79
N ALA E 24 -29.03 27.34 34.91
CA ALA E 24 -28.96 26.42 33.78
C ALA E 24 -27.57 26.37 33.15
N ILE E 25 -27.50 25.75 31.97
CA ILE E 25 -26.26 25.63 31.22
C ILE E 25 -25.93 26.99 30.60
N GLY E 26 -24.64 27.32 30.60
CA GLY E 26 -24.20 28.59 30.03
C GLY E 26 -23.57 28.43 28.66
N GLY E 27 -22.37 28.97 28.53
CA GLY E 27 -21.64 28.91 27.27
C GLY E 27 -21.11 27.53 26.92
N LEU E 28 -20.70 27.37 25.65
CA LEU E 28 -20.21 26.11 25.15
C LEU E 28 -19.09 26.25 24.11
N ARG E 29 -18.10 25.39 24.22
CA ARG E 29 -16.97 25.38 23.29
C ARG E 29 -16.54 23.93 23.07
N VAL E 30 -16.60 23.48 21.83
CA VAL E 30 -16.24 22.10 21.50
C VAL E 30 -14.96 21.99 20.68
N THR E 31 -14.11 21.03 21.04
CA THR E 31 -12.89 20.77 20.29
C THR E 31 -13.19 19.47 19.56
N TYR E 32 -13.33 19.58 18.24
CA TYR E 32 -13.63 18.44 17.40
C TYR E 32 -12.38 17.80 16.87
N ASP E 33 -12.54 16.63 16.23
CA ASP E 33 -11.42 16.03 15.57
C ASP E 33 -11.70 16.33 14.11
N LEU E 34 -10.68 16.72 13.38
CA LEU E 34 -10.82 16.99 11.96
C LEU E 34 -9.73 16.16 11.29
N ASN E 35 -10.13 15.02 10.75
CA ASN E 35 -9.19 14.14 10.05
C ASN E 35 -7.90 13.80 10.83
N GLY E 36 -8.05 13.46 12.11
CA GLY E 36 -6.89 13.06 12.90
C GLY E 36 -6.19 14.12 13.73
N MET E 37 -6.64 15.36 13.66
CA MET E 37 -6.02 16.43 14.42
C MET E 37 -7.13 17.29 15.05
N PRO E 38 -6.85 17.88 16.21
CA PRO E 38 -7.86 18.72 16.88
C PRO E 38 -8.26 19.92 16.04
N PHE E 39 -9.49 20.40 16.26
CA PHE E 39 -9.97 21.60 15.60
C PHE E 39 -10.85 22.26 16.64
N VAL E 40 -10.34 23.33 17.23
CA VAL E 40 -11.07 24.07 18.26
C VAL E 40 -12.11 24.95 17.60
N ALA E 41 -13.38 24.68 17.89
CA ALA E 41 -14.45 25.47 17.31
C ALA E 41 -14.59 26.78 18.09
N GLU E 42 -15.44 27.65 17.56
CA GLU E 42 -15.70 28.95 18.17
C GLU E 42 -16.31 28.79 19.56
N ASP E 43 -15.94 29.69 20.47
CA ASP E 43 -16.46 29.68 21.83
C ASP E 43 -17.81 30.39 21.79
N HIS E 44 -18.85 29.70 22.21
CA HIS E 44 -20.20 30.27 22.21
C HIS E 44 -20.48 30.69 23.64
N LYS E 45 -20.27 31.98 23.89
CA LYS E 45 -20.40 32.57 25.21
C LYS E 45 -21.79 32.95 25.70
N SER E 46 -21.95 32.84 27.01
CA SER E 46 -23.18 33.24 27.67
C SER E 46 -23.05 34.76 27.77
N PHE E 47 -24.18 35.45 27.92
CA PHE E 47 -24.16 36.91 28.05
C PHE E 47 -23.62 37.30 29.42
N ILE E 48 -23.68 36.36 30.36
CA ILE E 48 -23.25 36.60 31.73
C ILE E 48 -22.14 35.69 32.25
N THR E 49 -21.75 35.90 33.51
CA THR E 49 -20.70 35.10 34.14
C THR E 49 -21.27 34.43 35.39
N GLY E 50 -20.39 33.99 36.29
CA GLY E 50 -20.85 33.33 37.50
C GLY E 50 -21.11 31.85 37.35
N PHE E 51 -20.61 31.26 36.27
CA PHE E 51 -20.80 29.83 36.00
C PHE E 51 -19.64 28.96 36.48
N LYS E 52 -19.88 27.66 36.51
CA LYS E 52 -18.87 26.67 36.87
C LYS E 52 -18.52 25.93 35.58
N PRO E 53 -17.29 26.08 35.09
CA PRO E 53 -16.93 25.37 33.86
C PRO E 53 -16.55 23.89 34.07
N VAL E 54 -16.89 23.07 33.10
CA VAL E 54 -16.55 21.65 33.14
C VAL E 54 -15.88 21.32 31.81
N LYS E 55 -14.78 20.60 31.88
CA LYS E 55 -14.06 20.22 30.67
C LYS E 55 -14.03 18.71 30.50
N ILE E 56 -14.79 18.21 29.52
CA ILE E 56 -14.84 16.78 29.29
C ILE E 56 -13.83 16.48 28.18
N SER E 57 -12.74 15.80 28.56
CA SER E 57 -11.70 15.43 27.62
C SER E 57 -11.84 13.96 27.26
N LEU E 58 -12.39 13.70 26.08
CA LEU E 58 -12.59 12.33 25.64
C LEU E 58 -11.32 11.74 25.04
N GLU E 59 -11.07 10.48 25.33
CA GLU E 59 -9.90 9.79 24.79
C GLU E 59 -10.33 9.43 23.37
N PHE E 60 -10.44 10.48 22.55
CA PHE E 60 -10.94 10.36 21.19
C PHE E 60 -11.11 9.00 20.54
N PRO E 61 -10.25 8.62 19.56
CA PRO E 61 -10.53 7.32 18.96
C PRO E 61 -11.39 6.38 19.78
N SER E 62 -10.80 5.80 20.82
CA SER E 62 -11.47 4.82 21.66
C SER E 62 -12.71 5.21 22.42
N GLU E 63 -12.81 6.47 22.85
CA GLU E 63 -13.98 6.92 23.59
C GLU E 63 -14.86 7.86 22.76
N TYR E 64 -16.18 7.67 22.85
CA TYR E 64 -17.13 8.50 22.12
C TYR E 64 -18.50 8.48 22.82
N ILE E 65 -19.25 9.56 22.66
CA ILE E 65 -20.56 9.71 23.27
C ILE E 65 -21.59 8.74 22.70
N VAL E 66 -22.36 8.10 23.57
CA VAL E 66 -23.38 7.16 23.13
C VAL E 66 -24.77 7.65 23.52
N GLU E 67 -24.82 8.70 24.32
CA GLU E 67 -26.08 9.30 24.72
C GLU E 67 -25.91 10.68 25.33
N VAL E 68 -26.77 11.59 24.90
CA VAL E 68 -26.78 12.94 25.44
C VAL E 68 -28.17 13.04 26.03
N SER E 69 -28.28 13.60 27.22
CA SER E 69 -29.58 13.76 27.87
C SER E 69 -29.51 14.94 28.83
N GLY E 70 -30.68 15.35 29.32
CA GLY E 70 -30.71 16.47 30.24
C GLY E 70 -32.13 16.90 30.55
N TYR E 71 -32.26 18.11 31.06
CA TYR E 71 -33.56 18.69 31.40
C TYR E 71 -33.77 20.05 30.78
N VAL E 72 -35.02 20.33 30.41
CA VAL E 72 -35.41 21.60 29.81
C VAL E 72 -36.41 22.26 30.75
N GLY E 73 -36.19 23.54 31.05
CA GLY E 73 -37.10 24.24 31.94
C GLY E 73 -37.00 25.75 31.84
N LYS E 74 -37.73 26.45 32.70
CA LYS E 74 -37.74 27.90 32.68
C LYS E 74 -36.87 28.58 33.74
N VAL E 75 -36.17 29.61 33.30
CA VAL E 75 -35.33 30.41 34.17
C VAL E 75 -35.63 31.84 33.78
N GLU E 76 -36.14 32.62 34.73
CA GLU E 76 -36.50 34.00 34.47
C GLU E 76 -37.51 34.04 33.34
N GLY E 77 -38.32 33.00 33.25
CA GLY E 77 -39.34 32.93 32.22
C GLY E 77 -38.86 32.41 30.88
N TYR E 78 -37.57 32.14 30.74
CA TYR E 78 -37.07 31.63 29.45
C TYR E 78 -36.89 30.12 29.48
N THR E 79 -37.32 29.46 28.41
CA THR E 79 -37.16 28.00 28.30
C THR E 79 -35.74 27.72 27.84
N VAL E 80 -34.96 27.05 28.70
CA VAL E 80 -33.58 26.75 28.40
C VAL E 80 -33.18 25.34 28.84
N ILE E 81 -31.98 24.91 28.42
CA ILE E 81 -31.46 23.61 28.82
C ILE E 81 -30.88 23.87 30.20
N ARG E 82 -31.43 23.23 31.21
CA ARG E 82 -30.98 23.46 32.58
C ARG E 82 -29.96 22.43 33.05
N SER E 83 -29.94 21.28 32.38
CA SER E 83 -29.03 20.23 32.77
C SER E 83 -28.57 19.41 31.57
N LEU E 84 -27.38 18.83 31.68
CA LEU E 84 -26.82 17.99 30.63
C LEU E 84 -26.01 16.82 31.19
N THR E 85 -26.13 15.67 30.54
CA THR E 85 -25.38 14.47 30.92
C THR E 85 -24.88 13.84 29.63
N PHE E 86 -23.58 13.57 29.58
CA PHE E 86 -22.99 12.94 28.41
C PHE E 86 -22.51 11.55 28.82
N LYS E 87 -23.04 10.52 28.17
CA LYS E 87 -22.63 9.16 28.48
C LYS E 87 -21.78 8.67 27.30
N THR E 88 -20.59 8.16 27.60
CA THR E 88 -19.70 7.62 26.56
C THR E 88 -19.66 6.12 26.72
N ASN E 89 -18.89 5.45 25.86
CA ASN E 89 -18.75 4.00 25.93
C ASN E 89 -17.81 3.61 27.06
N LYS E 90 -17.21 4.61 27.71
CA LYS E 90 -16.30 4.36 28.82
C LYS E 90 -16.86 4.81 30.16
N GLN E 91 -17.60 5.93 30.16
CA GLN E 91 -18.14 6.42 31.41
C GLN E 91 -19.24 7.46 31.23
N THR E 92 -19.77 7.93 32.34
CA THR E 92 -20.81 8.94 32.32
C THR E 92 -20.29 10.22 32.96
N TYR E 93 -20.46 11.34 32.26
CA TYR E 93 -20.02 12.61 32.82
C TYR E 93 -21.26 13.17 33.47
N GLY E 94 -21.43 12.73 34.73
CA GLY E 94 -22.55 13.05 35.60
C GLY E 94 -23.36 14.27 35.31
N PRO E 95 -24.58 14.35 35.86
CA PRO E 95 -25.44 15.51 35.62
C PRO E 95 -24.72 16.80 36.00
N TYR E 96 -24.89 17.82 35.18
CA TYR E 96 -24.30 19.13 35.44
C TYR E 96 -25.47 20.08 35.26
N GLY E 97 -25.76 20.88 36.29
CA GLY E 97 -26.85 21.82 36.20
C GLY E 97 -28.05 21.50 37.08
N VAL E 98 -29.21 21.99 36.68
CA VAL E 98 -30.44 21.76 37.44
C VAL E 98 -31.30 20.69 36.79
N THR E 99 -31.33 19.51 37.40
CA THR E 99 -32.11 18.40 36.87
C THR E 99 -33.60 18.51 37.18
N ASN E 100 -34.18 19.65 36.82
CA ASN E 100 -35.61 19.88 37.04
C ASN E 100 -36.26 20.37 35.75
N GLY E 101 -37.45 19.85 35.47
CA GLY E 101 -38.16 20.25 34.29
C GLY E 101 -38.52 19.05 33.43
N THR E 102 -38.53 19.25 32.12
CA THR E 102 -38.86 18.19 31.19
C THR E 102 -37.59 17.49 30.71
N PRO E 103 -37.49 16.17 30.90
CA PRO E 103 -36.29 15.44 30.48
C PRO E 103 -36.30 15.24 28.96
N PHE E 104 -35.13 15.01 28.40
CA PHE E 104 -34.98 14.74 26.97
C PHE E 104 -33.77 13.84 26.88
N SER E 105 -33.70 13.05 25.82
CA SER E 105 -32.55 12.18 25.68
C SER E 105 -32.38 11.71 24.25
N LEU E 106 -31.13 11.64 23.83
CA LEU E 106 -30.80 11.15 22.50
C LEU E 106 -29.84 9.98 22.67
N PRO E 107 -30.37 8.77 22.80
CA PRO E 107 -29.50 7.59 22.95
C PRO E 107 -29.09 7.28 21.52
N ILE E 108 -27.85 6.86 21.31
CA ILE E 108 -27.40 6.55 19.96
C ILE E 108 -27.02 5.08 19.92
N GLU E 109 -27.77 4.28 19.18
CA GLU E 109 -27.51 2.85 19.05
C GLU E 109 -26.33 2.64 18.12
N ASN E 110 -26.34 3.35 16.99
CA ASN E 110 -25.23 3.27 16.05
C ASN E 110 -25.07 4.64 15.40
N GLY E 111 -23.84 5.14 15.36
CA GLY E 111 -23.61 6.45 14.78
C GLY E 111 -22.76 7.28 15.71
N LEU E 112 -22.40 8.48 15.26
CA LEU E 112 -21.56 9.36 16.05
C LEU E 112 -22.01 10.81 15.97
N ILE E 113 -21.83 11.53 17.07
CA ILE E 113 -22.14 12.95 17.11
C ILE E 113 -20.91 13.58 16.48
N VAL E 114 -21.11 14.38 15.43
CA VAL E 114 -19.97 15.01 14.76
C VAL E 114 -20.11 16.54 14.72
N GLY E 115 -21.05 17.08 15.47
CA GLY E 115 -21.23 18.52 15.50
C GLY E 115 -22.40 19.02 16.34
N PHE E 116 -22.32 20.28 16.76
CA PHE E 116 -23.37 20.91 17.57
C PHE E 116 -23.77 22.26 16.97
N LYS E 117 -25.02 22.66 17.21
CA LYS E 117 -25.52 23.96 16.78
C LYS E 117 -26.61 24.30 17.79
N GLY E 118 -27.00 25.56 17.85
CA GLY E 118 -28.04 25.95 18.81
C GLY E 118 -28.15 27.45 19.00
N SER E 119 -28.36 27.86 20.24
CA SER E 119 -28.50 29.27 20.58
C SER E 119 -28.21 29.47 22.06
N ILE E 120 -27.52 30.56 22.38
CA ILE E 120 -27.17 30.89 23.75
C ILE E 120 -27.29 32.39 24.03
N GLY E 121 -28.02 32.73 25.08
CA GLY E 121 -28.16 34.12 25.49
C GLY E 121 -27.53 34.14 26.87
N TYR E 122 -28.36 34.21 27.91
CA TYR E 122 -27.85 34.15 29.27
C TYR E 122 -27.52 32.68 29.51
N TRP E 123 -28.32 31.80 28.92
CA TRP E 123 -28.16 30.35 29.06
C TRP E 123 -28.36 29.63 27.73
N LEU E 124 -28.02 28.35 27.67
CA LEU E 124 -28.20 27.56 26.46
C LEU E 124 -29.70 27.54 26.17
N ASP E 125 -30.13 28.19 25.10
CA ASP E 125 -31.56 28.22 24.77
C ASP E 125 -32.05 26.88 24.24
N TYR E 126 -31.28 26.34 23.30
CA TYR E 126 -31.60 25.05 22.69
C TYR E 126 -30.37 24.62 21.91
N PHE E 127 -30.37 23.39 21.41
CA PHE E 127 -29.25 22.90 20.64
C PHE E 127 -29.69 21.70 19.81
N SER E 128 -28.95 21.45 18.74
CA SER E 128 -29.19 20.33 17.84
C SER E 128 -27.89 19.57 17.69
N ILE E 129 -27.98 18.33 17.23
CA ILE E 129 -26.82 17.48 17.06
C ILE E 129 -26.67 16.92 15.66
N TYR E 130 -25.45 16.97 15.13
CA TYR E 130 -25.15 16.41 13.81
C TYR E 130 -24.78 14.94 14.01
N LEU E 131 -25.41 14.05 13.26
CA LEU E 131 -25.12 12.62 13.36
C LEU E 131 -24.53 12.10 12.05
N SER E 132 -23.61 11.15 12.17
CA SER E 132 -22.99 10.58 10.98
C SER E 132 -22.31 9.26 11.29
N LEU E 133 -22.06 8.46 10.25
CA LEU E 133 -21.33 7.21 10.46
C LEU E 133 -19.87 7.62 10.32
N ARG F 1 -29.60 21.59 -6.16
CA ARG F 1 -28.41 20.90 -5.56
C ARG F 1 -27.17 21.77 -5.67
N ASN F 2 -26.35 21.78 -4.61
CA ASN F 2 -25.13 22.57 -4.61
C ASN F 2 -23.92 21.78 -4.09
N GLY F 3 -22.77 22.46 -4.01
CA GLY F 3 -21.55 21.83 -3.55
C GLY F 3 -21.33 21.77 -2.04
N LYS F 4 -22.42 21.93 -1.29
CA LYS F 4 -22.34 21.89 0.16
C LYS F 4 -22.77 20.51 0.66
N SER F 5 -21.87 19.82 1.34
CA SER F 5 -22.18 18.50 1.87
C SER F 5 -23.28 18.57 2.92
N GLN F 6 -24.18 17.59 2.88
CA GLN F 6 -25.31 17.54 3.81
C GLN F 6 -25.06 16.63 5.01
N SER F 7 -25.71 16.96 6.13
CA SER F 7 -25.59 16.16 7.33
C SER F 7 -26.96 15.89 7.94
N ILE F 8 -27.05 14.80 8.69
CA ILE F 8 -28.28 14.47 9.39
C ILE F 8 -28.16 15.28 10.67
N ILE F 9 -29.24 15.98 11.03
CA ILE F 9 -29.25 16.78 12.25
C ILE F 9 -30.54 16.46 12.98
N VAL F 10 -30.44 16.06 14.24
CA VAL F 10 -31.64 15.72 14.98
C VAL F 10 -32.12 16.93 15.77
N GLY F 11 -33.31 17.38 15.36
CA GLY F 11 -34.05 18.52 15.89
C GLY F 11 -33.57 19.08 17.20
N PRO F 12 -33.95 20.33 17.52
CA PRO F 12 -33.52 20.95 18.77
C PRO F 12 -34.29 20.51 20.00
N TRP F 13 -33.61 20.59 21.13
CA TRP F 13 -34.15 20.30 22.44
C TRP F 13 -33.95 21.62 23.18
N GLY F 14 -34.96 22.09 23.89
CA GLY F 14 -34.84 23.34 24.62
C GLY F 14 -35.80 24.46 24.25
N ASP F 15 -36.87 24.14 23.52
CA ASP F 15 -37.84 25.16 23.15
C ASP F 15 -39.23 24.88 23.75
N GLY G 1 -0.51 6.99 8.09
CA GLY G 1 0.50 8.05 8.23
C GLY G 1 1.16 8.40 6.91
N VAL G 2 2.29 9.09 6.98
CA VAL G 2 3.04 9.49 5.78
C VAL G 2 4.19 8.53 5.53
N THR G 3 4.24 7.96 4.33
CA THR G 3 5.31 7.02 4.00
C THR G 3 6.63 7.76 3.77
N PHE G 4 7.72 7.02 3.97
CA PHE G 4 9.05 7.56 3.75
C PHE G 4 9.87 6.39 3.20
N ASP G 5 10.95 6.72 2.50
CA ASP G 5 11.84 5.71 1.94
C ASP G 5 13.22 6.35 1.81
N ASP G 6 14.13 6.01 2.72
CA ASP G 6 15.48 6.57 2.68
C ASP G 6 16.28 5.99 1.52
N GLY G 7 15.92 4.80 1.07
CA GLY G 7 16.70 4.17 0.01
C GLY G 7 17.88 3.42 0.61
N ALA G 8 18.85 3.04 -0.22
CA ALA G 8 20.00 2.28 0.27
C ALA G 8 21.31 3.05 0.30
N TYR G 9 22.18 2.67 1.25
CA TYR G 9 23.47 3.31 1.42
C TYR G 9 24.54 2.23 1.64
N THR G 10 25.69 2.57 2.22
CA THR G 10 26.71 1.54 2.43
C THR G 10 26.86 1.11 3.88
N GLY G 11 26.04 1.66 4.76
CA GLY G 11 26.12 1.29 6.16
C GLY G 11 25.30 2.21 7.03
N ILE G 12 25.32 1.95 8.34
CA ILE G 12 24.60 2.76 9.31
C ILE G 12 25.54 3.35 10.37
N ARG G 13 25.43 4.66 10.58
CA ARG G 13 26.26 5.32 11.58
C ARG G 13 25.47 5.67 12.83
N GLU G 14 24.29 6.26 12.65
CA GLU G 14 23.47 6.66 13.79
C GLU G 14 21.99 6.51 13.53
N ILE G 15 21.24 6.22 14.59
CA ILE G 15 19.80 6.08 14.50
C ILE G 15 19.16 6.85 15.64
N ASN G 16 18.39 7.87 15.29
CA ASN G 16 17.69 8.69 16.27
C ASN G 16 16.20 8.44 16.10
N PHE G 17 15.50 8.20 17.21
CA PHE G 17 14.07 7.97 17.15
C PHE G 17 13.39 8.29 18.48
N GLU G 18 12.08 8.48 18.41
CA GLU G 18 11.29 8.83 19.58
C GLU G 18 10.47 7.65 20.06
N TYR G 19 10.14 7.66 21.34
CA TYR G 19 9.31 6.63 21.94
C TYR G 19 8.60 7.22 23.15
N ASN G 20 7.45 6.65 23.48
CA ASN G 20 6.65 7.11 24.61
C ASN G 20 6.30 5.86 25.40
N SER G 21 6.79 5.80 26.64
CA SER G 21 6.58 4.66 27.52
C SER G 21 5.14 4.21 27.68
N GLU G 22 4.20 5.06 27.24
CA GLU G 22 2.78 4.71 27.36
C GLU G 22 2.10 4.44 26.03
N THR G 23 2.68 4.89 24.94
CA THR G 23 2.09 4.66 23.63
C THR G 23 2.96 3.85 22.69
N ALA G 24 3.72 4.51 21.83
CA ALA G 24 4.55 3.78 20.88
C ALA G 24 5.71 4.59 20.33
N ILE G 25 6.38 4.01 19.33
CA ILE G 25 7.51 4.66 18.69
C ILE G 25 7.00 5.86 17.88
N GLY G 26 7.73 6.97 17.91
CA GLY G 26 7.31 8.15 17.17
C GLY G 26 8.16 8.38 15.94
N GLY G 27 8.76 9.57 15.85
CA GLY G 27 9.59 9.92 14.71
C GLY G 27 10.89 9.15 14.60
N LEU G 28 11.50 9.20 13.41
CA LEU G 28 12.74 8.50 13.13
C LEU G 28 13.65 9.28 12.19
N ARG G 29 14.96 9.23 12.45
CA ARG G 29 15.94 9.91 11.61
C ARG G 29 17.24 9.11 11.62
N VAL G 30 17.69 8.71 10.44
CA VAL G 30 18.89 7.89 10.33
C VAL G 30 20.06 8.55 9.62
N THR G 31 21.24 8.41 10.19
CA THR G 31 22.45 8.92 9.56
C THR G 31 23.19 7.67 9.09
N TYR G 32 23.28 7.54 7.76
CA TYR G 32 23.90 6.40 7.13
C TYR G 32 25.35 6.69 6.80
N ASP G 33 26.06 5.67 6.35
CA ASP G 33 27.39 5.92 5.85
C ASP G 33 27.22 5.83 4.35
N LEU G 34 27.86 6.74 3.64
CA LEU G 34 27.80 6.73 2.19
C LEU G 34 29.24 6.78 1.72
N ASN G 35 29.78 5.62 1.42
CA ASN G 35 31.14 5.51 0.93
C ASN G 35 32.17 6.17 1.84
N GLY G 36 32.06 5.94 3.14
CA GLY G 36 33.03 6.50 4.08
C GLY G 36 32.70 7.83 4.73
N MET G 37 31.62 8.48 4.29
CA MET G 37 31.22 9.76 4.87
C MET G 37 29.78 9.70 5.35
N PRO G 38 29.48 10.36 6.47
CA PRO G 38 28.08 10.29 6.92
C PRO G 38 27.12 10.95 5.94
N PHE G 39 25.88 10.45 5.91
CA PHE G 39 24.84 11.02 5.07
C PHE G 39 23.61 11.06 5.95
N VAL G 40 23.26 12.26 6.37
CA VAL G 40 22.10 12.46 7.24
C VAL G 40 20.84 12.43 6.39
N ALA G 41 20.02 11.40 6.57
CA ALA G 41 18.79 11.29 5.82
C ALA G 41 17.72 12.21 6.39
N GLU G 42 16.61 12.30 5.67
CA GLU G 42 15.49 13.15 6.07
C GLU G 42 14.92 12.73 7.42
N ASP G 43 14.46 13.71 8.19
CA ASP G 43 13.85 13.46 9.49
C ASP G 43 12.39 13.12 9.25
N HIS G 44 11.97 11.92 9.66
CA HIS G 44 10.58 11.49 9.50
C HIS G 44 9.88 11.73 10.82
N LYS G 45 9.11 12.80 10.88
CA LYS G 45 8.43 13.21 12.10
C LYS G 45 7.05 12.65 12.38
N SER G 46 6.75 12.55 13.66
CA SER G 46 5.45 12.11 14.13
C SER G 46 4.53 13.30 13.95
N PHE G 47 3.22 13.05 13.92
CA PHE G 47 2.24 14.12 13.80
C PHE G 47 2.12 14.87 15.12
N ILE G 48 2.59 14.26 16.20
CA ILE G 48 2.50 14.85 17.53
C ILE G 48 3.83 14.94 18.29
N THR G 49 3.79 15.45 19.52
CA THR G 49 4.97 15.61 20.36
C THR G 49 4.85 14.83 21.68
N GLY G 50 5.73 15.12 22.63
CA GLY G 50 5.68 14.45 23.92
C GLY G 50 6.44 13.13 24.03
N PHE G 51 7.36 12.90 23.11
CA PHE G 51 8.16 11.68 23.10
C PHE G 51 9.50 11.88 23.79
N LYS G 52 10.18 10.76 24.03
CA LYS G 52 11.51 10.76 24.61
C LYS G 52 12.43 10.34 23.47
N PRO G 53 13.44 11.16 23.14
CA PRO G 53 14.33 10.74 22.06
C PRO G 53 15.47 9.84 22.52
N VAL G 54 15.99 9.06 21.58
CA VAL G 54 17.11 8.17 21.85
C VAL G 54 18.03 8.28 20.65
N LYS G 55 19.33 8.42 20.93
CA LYS G 55 20.32 8.53 19.87
C LYS G 55 21.30 7.39 20.00
N ILE G 56 21.34 6.54 18.98
CA ILE G 56 22.24 5.40 18.97
C ILE G 56 23.34 5.69 17.95
N SER G 57 24.55 5.93 18.45
CA SER G 57 25.70 6.21 17.59
C SER G 57 26.57 4.97 17.54
N LEU G 58 26.62 4.32 16.38
CA LEU G 58 27.41 3.11 16.20
C LEU G 58 28.85 3.45 15.77
N GLU G 59 29.82 2.70 16.28
CA GLU G 59 31.21 2.93 15.88
C GLU G 59 31.28 2.19 14.55
N PHE G 60 30.74 2.82 13.51
CA PHE G 60 30.65 2.24 12.17
C PHE G 60 31.61 1.10 11.78
N PRO G 61 32.40 1.23 10.70
CA PRO G 61 33.22 0.06 10.42
C PRO G 61 32.95 -1.18 11.29
N SER G 62 33.64 -1.25 12.42
CA SER G 62 33.56 -2.37 13.36
C SER G 62 32.20 -2.75 13.94
N GLU G 63 31.40 -1.78 14.34
CA GLU G 63 30.09 -2.09 14.93
C GLU G 63 28.92 -1.96 13.95
N TYR G 64 28.06 -2.99 13.91
CA TYR G 64 26.91 -2.97 13.03
C TYR G 64 25.78 -3.78 13.65
N ILE G 65 24.56 -3.51 13.21
CA ILE G 65 23.38 -4.20 13.71
C ILE G 65 23.30 -5.63 13.21
N VAL G 66 23.04 -6.57 14.12
CA VAL G 66 22.92 -7.98 13.76
C VAL G 66 21.49 -8.47 13.99
N GLU G 67 20.69 -7.64 14.65
CA GLU G 67 19.29 -7.96 14.89
C GLU G 67 18.42 -6.77 15.31
N VAL G 68 17.26 -6.67 14.66
CA VAL G 68 16.29 -5.63 14.97
C VAL G 68 15.05 -6.37 15.48
N SER G 69 14.50 -5.94 16.60
CA SER G 69 13.32 -6.57 17.14
C SER G 69 12.47 -5.54 17.88
N GLY G 70 11.29 -5.95 18.32
CA GLY G 70 10.41 -5.04 19.03
C GLY G 70 9.02 -5.63 19.15
N TYR G 71 8.03 -4.78 19.40
CA TYR G 71 6.65 -5.21 19.54
C TYR G 71 5.71 -4.36 18.68
N VAL G 72 4.64 -5.00 18.22
CA VAL G 72 3.62 -4.34 17.41
C VAL G 72 2.30 -4.53 18.15
N GLY G 73 1.57 -3.43 18.32
CA GLY G 73 0.30 -3.49 19.00
C GLY G 73 -0.57 -2.28 18.71
N LYS G 74 -1.79 -2.28 19.21
CA LYS G 74 -2.70 -1.17 18.97
C LYS G 74 -2.64 -0.05 19.99
N VAL G 75 -2.69 1.17 19.48
CA VAL G 75 -2.70 2.40 20.27
C VAL G 75 -3.82 3.23 19.65
N GLU G 76 -4.84 3.54 20.44
CA GLU G 76 -5.98 4.30 19.95
C GLU G 76 -6.59 3.59 18.74
N GLY G 77 -6.49 2.26 18.73
CA GLY G 77 -7.06 1.48 17.64
C GLY G 77 -6.17 1.27 16.42
N TYR G 78 -5.01 1.92 16.40
CA TYR G 78 -4.10 1.77 15.26
C TYR G 78 -2.97 0.80 15.55
N THR G 79 -2.71 -0.11 14.61
CA THR G 79 -1.63 -1.07 14.77
C THR G 79 -0.32 -0.36 14.42
N VAL G 80 0.56 -0.26 15.41
CA VAL G 80 1.83 0.43 15.25
C VAL G 80 2.99 -0.28 15.95
N ILE G 81 4.22 0.18 15.68
CA ILE G 81 5.39 -0.39 16.32
C ILE G 81 5.48 0.28 17.69
N ARG G 82 5.28 -0.49 18.75
CA ARG G 82 5.31 0.05 20.10
C ARG G 82 6.67 0.01 20.79
N SER G 83 7.55 -0.89 20.35
CA SER G 83 8.86 -1.00 20.97
C SER G 83 9.91 -1.41 19.95
N LEU G 84 11.16 -1.03 20.23
CA LEU G 84 12.27 -1.37 19.36
C LEU G 84 13.52 -1.73 20.15
N THR G 85 14.29 -2.66 19.60
CA THR G 85 15.54 -3.09 20.22
C THR G 85 16.55 -3.33 19.10
N PHE G 86 17.69 -2.66 19.19
CA PHE G 86 18.75 -2.83 18.18
C PHE G 86 19.94 -3.52 18.83
N LYS G 87 20.21 -4.74 18.38
CA LYS G 87 21.34 -5.50 18.90
C LYS G 87 22.46 -5.46 17.88
N THR G 88 23.64 -5.05 18.31
CA THR G 88 24.79 -5.00 17.41
C THR G 88 25.75 -6.10 17.83
N ASN G 89 26.86 -6.21 17.10
CA ASN G 89 27.84 -7.24 17.41
C ASN G 89 28.60 -6.88 18.69
N LYS G 90 28.45 -5.62 19.14
CA LYS G 90 29.15 -5.15 20.33
C LYS G 90 28.26 -5.04 21.57
N GLN G 91 27.02 -4.62 21.39
CA GLN G 91 26.11 -4.48 22.52
C GLN G 91 24.66 -4.39 22.08
N THR G 92 23.78 -4.31 23.06
CA THR G 92 22.35 -4.21 22.79
C THR G 92 21.81 -2.86 23.25
N TYR G 93 21.11 -2.19 22.36
CA TYR G 93 20.50 -0.92 22.72
C TYR G 93 19.11 -1.31 23.16
N GLY G 94 19.08 -1.74 24.42
CA GLY G 94 17.90 -2.22 25.13
C GLY G 94 16.56 -1.74 24.65
N PRO G 95 15.48 -2.42 25.06
CA PRO G 95 14.12 -2.07 24.65
C PRO G 95 13.78 -0.61 24.90
N TYR G 96 13.14 0.01 23.92
CA TYR G 96 12.70 1.40 24.04
C TYR G 96 11.23 1.36 23.62
N GLY G 97 10.35 1.86 24.49
CA GLY G 97 8.94 1.87 24.15
C GLY G 97 8.14 0.91 25.01
N VAL G 98 6.99 0.47 24.50
CA VAL G 98 6.12 -0.46 25.23
C VAL G 98 6.28 -1.86 24.69
N THR G 99 6.85 -2.75 25.50
CA THR G 99 7.07 -4.12 25.06
C THR G 99 5.86 -5.02 25.24
N ASN G 100 4.72 -4.61 24.69
CA ASN G 100 3.49 -5.38 24.77
C ASN G 100 2.92 -5.58 23.38
N GLY G 101 2.25 -6.70 23.17
CA GLY G 101 1.65 -6.99 21.89
C GLY G 101 2.26 -8.19 21.19
N THR G 102 2.39 -8.07 19.87
CA THR G 102 2.97 -9.14 19.08
C THR G 102 4.45 -8.86 18.83
N PRO G 103 5.31 -9.83 19.15
CA PRO G 103 6.75 -9.66 18.96
C PRO G 103 7.16 -9.90 17.52
N PHE G 104 8.26 -9.26 17.12
CA PHE G 104 8.80 -9.44 15.78
C PHE G 104 10.30 -9.30 15.92
N SER G 105 11.03 -9.88 14.98
CA SER G 105 12.47 -9.79 15.02
C SER G 105 13.06 -10.12 13.68
N LEU G 106 14.17 -9.47 13.36
CA LEU G 106 14.88 -9.74 12.14
C LEU G 106 16.34 -9.97 12.51
N PRO G 107 16.70 -11.23 12.82
CA PRO G 107 18.09 -11.52 13.18
C PRO G 107 18.81 -11.62 11.84
N ILE G 108 20.04 -11.13 11.76
CA ILE G 108 20.78 -11.21 10.51
C ILE G 108 22.02 -12.09 10.70
N GLU G 109 22.05 -13.23 10.04
CA GLU G 109 23.16 -14.17 10.13
C GLU G 109 24.34 -13.68 9.28
N ASN G 110 24.03 -13.13 8.12
CA ASN G 110 25.06 -12.58 7.24
C ASN G 110 24.41 -11.52 6.34
N GLY G 111 25.01 -10.34 6.29
CA GLY G 111 24.46 -9.27 5.50
C GLY G 111 24.37 -8.02 6.36
N LEU G 112 24.02 -6.90 5.74
CA LEU G 112 23.93 -5.65 6.47
C LEU G 112 22.69 -4.85 6.17
N ILE G 113 22.25 -4.08 7.16
CA ILE G 113 21.12 -3.19 6.99
C ILE G 113 21.74 -1.96 6.32
N VAL G 114 21.17 -1.54 5.20
CA VAL G 114 21.70 -0.38 4.50
C VAL G 114 20.64 0.68 4.19
N GLY G 115 19.47 0.55 4.79
CA GLY G 115 18.41 1.52 4.57
C GLY G 115 17.10 1.19 5.24
N PHE G 116 16.30 2.21 5.47
CA PHE G 116 14.98 2.05 6.09
C PHE G 116 13.92 2.75 5.25
N LYS G 117 12.70 2.24 5.34
CA LYS G 117 11.55 2.83 4.67
C LYS G 117 10.37 2.47 5.57
N GLY G 118 9.24 3.16 5.41
CA GLY G 118 8.10 2.84 6.24
C GLY G 118 7.03 3.90 6.21
N SER G 119 6.38 4.11 7.35
CA SER G 119 5.31 5.09 7.46
C SER G 119 5.11 5.55 8.90
N ILE G 120 4.90 6.85 9.06
CA ILE G 120 4.69 7.42 10.38
C ILE G 120 3.51 8.39 10.43
N GLY G 121 2.64 8.21 11.40
CA GLY G 121 1.51 9.10 11.60
C GLY G 121 1.76 9.66 12.99
N TYR G 122 0.90 9.34 13.95
CA TYR G 122 1.16 9.79 15.31
C TYR G 122 2.35 8.92 15.74
N TRP G 123 2.32 7.66 15.31
CA TRP G 123 3.38 6.70 15.63
C TRP G 123 3.93 5.98 14.40
N LEU G 124 5.02 5.24 14.59
CA LEU G 124 5.61 4.48 13.50
C LEU G 124 4.60 3.39 13.14
N ASP G 125 3.97 3.52 11.97
CA ASP G 125 2.96 2.57 11.51
C ASP G 125 3.55 1.22 11.15
N TYR G 126 4.63 1.25 10.36
CA TYR G 126 5.33 0.05 9.94
C TYR G 126 6.66 0.48 9.34
N PHE G 127 7.54 -0.48 9.10
CA PHE G 127 8.82 -0.16 8.51
C PHE G 127 9.40 -1.38 7.84
N SER G 128 10.27 -1.15 6.87
CA SER G 128 10.93 -2.23 6.15
C SER G 128 12.41 -1.95 6.23
N ILE G 129 13.20 -2.96 5.89
CA ILE G 129 14.65 -2.85 5.96
C ILE G 129 15.35 -3.30 4.68
N TYR G 130 16.27 -2.46 4.22
CA TYR G 130 17.09 -2.77 3.04
C TYR G 130 18.25 -3.64 3.51
N LEU G 131 18.50 -4.74 2.82
CA LEU G 131 19.59 -5.63 3.19
C LEU G 131 20.59 -5.77 2.05
N SER G 132 21.87 -5.89 2.39
CA SER G 132 22.90 -6.03 1.39
C SER G 132 24.20 -6.57 1.97
N LEU G 133 25.05 -7.11 1.10
CA LEU G 133 26.36 -7.60 1.50
C LEU G 133 27.22 -6.34 1.46
N ARG H 1 13.72 -3.43 -17.86
CA ARG H 1 15.05 -3.15 -17.24
C ARG H 1 15.36 -1.67 -17.33
N ASN H 2 15.89 -1.12 -16.24
CA ASN H 2 16.23 0.30 -16.21
C ASN H 2 17.57 0.55 -15.50
N GLY H 3 17.99 1.82 -15.46
CA GLY H 3 19.26 2.15 -14.85
C GLY H 3 19.32 2.28 -13.34
N LYS H 4 18.22 1.98 -12.66
CA LYS H 4 18.17 2.07 -11.21
C LYS H 4 18.60 0.77 -10.52
N SER H 5 19.60 0.87 -9.65
CA SER H 5 20.10 -0.27 -8.90
C SER H 5 19.00 -0.84 -7.98
N GLN H 6 18.89 -2.17 -7.94
CA GLN H 6 17.89 -2.85 -7.12
C GLN H 6 18.44 -3.25 -5.74
N SER H 7 17.54 -3.40 -4.77
CA SER H 7 17.93 -3.79 -3.43
C SER H 7 17.00 -4.83 -2.84
N ILE H 8 17.54 -5.67 -1.96
CA ILE H 8 16.73 -6.66 -1.28
C ILE H 8 16.09 -5.87 -0.14
N ILE H 9 14.78 -6.01 0.02
CA ILE H 9 14.06 -5.33 1.09
C ILE H 9 13.17 -6.33 1.79
N VAL H 10 13.31 -6.47 3.10
CA VAL H 10 12.49 -7.42 3.81
C VAL H 10 11.23 -6.80 4.36
N GLY H 11 10.12 -7.31 3.84
CA GLY H 11 8.75 -6.90 4.15
C GLY H 11 8.57 -6.10 5.40
N PRO H 12 7.48 -5.34 5.48
CA PRO H 12 7.20 -4.50 6.65
C PRO H 12 6.72 -5.25 7.88
N TRP H 13 7.01 -4.66 9.03
CA TRP H 13 6.59 -5.16 10.33
C TRP H 13 5.85 -3.97 10.92
N GLY H 14 4.64 -4.18 11.42
CA GLY H 14 3.91 -3.07 12.01
C GLY H 14 2.45 -2.94 11.63
N ASP H 15 2.07 -3.36 10.44
CA ASP H 15 0.68 -3.26 10.01
C ASP H 15 0.60 -3.48 8.51
N GLY I 1 -40.75 -8.96 25.79
CA GLY I 1 -41.63 -9.15 24.61
C GLY I 1 -40.86 -9.76 23.46
N VAL I 2 -41.45 -9.71 22.27
CA VAL I 2 -40.81 -10.25 21.08
C VAL I 2 -40.14 -9.10 20.33
N THR I 3 -38.82 -9.20 20.20
CA THR I 3 -38.05 -8.17 19.52
C THR I 3 -38.24 -8.26 18.02
N PHE I 4 -38.14 -7.12 17.35
CA PHE I 4 -38.26 -7.06 15.90
C PHE I 4 -37.30 -6.01 15.37
N ASP I 5 -36.91 -6.16 14.12
CA ASP I 5 -36.01 -5.22 13.48
C ASP I 5 -36.33 -5.19 11.98
N ASP I 6 -37.05 -4.16 11.54
CA ASP I 6 -37.40 -4.03 10.13
C ASP I 6 -36.21 -3.74 9.22
N GLY I 7 -35.16 -3.16 9.78
CA GLY I 7 -34.01 -2.83 8.97
C GLY I 7 -34.19 -1.45 8.34
N ALA I 8 -33.43 -1.15 7.29
CA ALA I 8 -33.55 0.16 6.65
C ALA I 8 -34.07 0.10 5.21
N TYR I 9 -34.76 1.16 4.81
CA TYR I 9 -35.34 1.26 3.46
C TYR I 9 -35.08 2.66 2.90
N THR I 10 -35.90 3.11 1.96
CA THR I 10 -35.66 4.43 1.38
C THR I 10 -36.70 5.48 1.74
N GLY I 11 -37.60 5.14 2.66
CA GLY I 11 -38.62 6.08 3.08
C GLY I 11 -39.79 5.41 3.76
N ILE I 12 -40.81 6.21 4.11
CA ILE I 12 -42.00 5.69 4.78
C ILE I 12 -43.28 6.10 4.03
N ARG I 13 -44.15 5.13 3.79
CA ARG I 13 -45.40 5.35 3.07
C ARG I 13 -46.62 5.29 3.99
N GLU I 14 -46.60 4.35 4.93
CA GLU I 14 -47.71 4.21 5.85
C GLU I 14 -47.27 3.56 7.16
N ILE I 15 -47.92 3.98 8.24
CA ILE I 15 -47.63 3.45 9.57
C ILE I 15 -48.95 3.07 10.24
N ASN I 16 -49.10 1.80 10.57
CA ASN I 16 -50.31 1.32 11.25
C ASN I 16 -49.92 0.80 12.62
N PHE I 17 -50.66 1.21 13.65
CA PHE I 17 -50.39 0.74 15.00
C PHE I 17 -51.63 0.79 15.88
N GLU I 18 -51.60 0.03 16.96
CA GLU I 18 -52.72 -0.04 17.89
C GLU I 18 -52.43 0.82 19.11
N TYR I 19 -53.50 1.22 19.80
CA TYR I 19 -53.37 2.01 21.01
C TYR I 19 -54.64 1.84 21.82
N ASN I 20 -54.52 2.03 23.13
CA ASN I 20 -55.65 1.91 24.04
C ASN I 20 -55.59 3.12 24.97
N SER I 21 -56.67 3.91 24.99
CA SER I 21 -56.75 5.10 25.82
C SER I 21 -56.52 4.87 27.31
N GLU I 22 -56.45 3.62 27.74
CA GLU I 22 -56.25 3.32 29.15
C GLU I 22 -54.94 2.61 29.46
N THR I 23 -54.32 2.05 28.44
CA THR I 23 -53.06 1.34 28.65
C THR I 23 -51.91 1.97 27.87
N ALA I 24 -51.56 1.37 26.73
CA ALA I 24 -50.47 1.88 25.92
C ALA I 24 -50.55 1.47 24.46
N ILE I 25 -49.47 1.72 23.73
CA ILE I 25 -49.38 1.38 22.31
C ILE I 25 -49.30 -0.14 22.14
N GLY I 26 -50.02 -0.64 21.14
CA GLY I 26 -50.02 -2.07 20.88
C GLY I 26 -49.14 -2.46 19.72
N GLY I 27 -49.69 -3.25 18.81
CA GLY I 27 -48.95 -3.71 17.65
C GLY I 27 -48.53 -2.60 16.70
N LEU I 28 -47.64 -2.95 15.78
CA LEU I 28 -47.12 -1.99 14.80
C LEU I 28 -46.78 -2.64 13.45
N ARG I 29 -47.24 -2.01 12.37
CA ARG I 29 -46.96 -2.49 11.02
C ARG I 29 -46.60 -1.29 10.17
N VAL I 30 -45.42 -1.33 9.57
CA VAL I 30 -44.96 -0.21 8.73
C VAL I 30 -44.83 -0.55 7.26
N THR I 31 -45.31 0.35 6.40
CA THR I 31 -45.17 0.19 4.97
C THR I 31 -44.12 1.20 4.55
N TYR I 32 -42.96 0.67 4.19
CA TYR I 32 -41.83 1.50 3.78
C TYR I 32 -41.83 1.69 2.28
N ASP I 33 -41.02 2.61 1.82
CA ASP I 33 -40.85 2.77 0.39
C ASP I 33 -39.51 2.12 0.15
N LEU I 34 -39.42 1.30 -0.90
CA LEU I 34 -38.17 0.65 -1.24
C LEU I 34 -37.86 0.95 -2.69
N ASN I 35 -37.07 1.99 -2.91
CA ASN I 35 -36.68 2.38 -4.25
C ASN I 35 -37.86 2.69 -5.16
N GLY I 36 -38.83 3.43 -4.64
CA GLY I 36 -39.98 3.81 -5.43
C GLY I 36 -41.21 2.92 -5.34
N MET I 37 -41.07 1.72 -4.77
CA MET I 37 -42.23 0.85 -4.65
C MET I 37 -42.53 0.54 -3.19
N PRO I 38 -43.82 0.44 -2.83
CA PRO I 38 -44.18 0.15 -1.45
C PRO I 38 -43.62 -1.20 -1.01
N PHE I 39 -43.27 -1.29 0.27
CA PHE I 39 -42.75 -2.53 0.83
C PHE I 39 -43.38 -2.67 2.20
N VAL I 40 -44.34 -3.59 2.30
CA VAL I 40 -45.04 -3.85 3.55
C VAL I 40 -44.17 -4.74 4.42
N ALA I 41 -43.71 -4.21 5.54
CA ALA I 41 -42.86 -5.00 6.43
C ALA I 41 -43.74 -5.88 7.31
N GLU I 42 -43.10 -6.81 8.01
CA GLU I 42 -43.78 -7.72 8.91
C GLU I 42 -44.68 -6.99 9.91
N ASP I 43 -45.80 -7.63 10.24
CA ASP I 43 -46.72 -7.07 11.21
C ASP I 43 -46.25 -7.50 12.58
N HIS I 44 -46.00 -6.52 13.47
CA HIS I 44 -45.54 -6.83 14.82
C HIS I 44 -46.72 -6.74 15.77
N LYS I 45 -47.33 -7.90 16.01
CA LYS I 45 -48.52 -8.03 16.84
C LYS I 45 -48.38 -8.00 18.35
N SER I 46 -49.42 -7.47 18.99
CA SER I 46 -49.49 -7.41 20.44
C SER I 46 -49.88 -8.80 20.91
N PHE I 47 -49.52 -9.14 22.13
CA PHE I 47 -49.87 -10.45 22.69
C PHE I 47 -51.36 -10.51 22.96
N ILE I 48 -52.00 -9.34 23.06
CA ILE I 48 -53.42 -9.25 23.35
C ILE I 48 -54.19 -8.37 22.37
N THR I 49 -55.49 -8.25 22.58
CA THR I 49 -56.37 -7.44 21.72
C THR I 49 -57.07 -6.36 22.52
N GLY I 50 -58.03 -5.69 21.89
CA GLY I 50 -58.77 -4.65 22.57
C GLY I 50 -58.24 -3.26 22.28
N PHE I 51 -57.44 -3.15 21.21
CA PHE I 51 -56.85 -1.88 20.82
C PHE I 51 -57.64 -1.15 19.76
N LYS I 52 -57.28 0.11 19.53
CA LYS I 52 -57.91 0.94 18.51
C LYS I 52 -56.85 1.20 17.44
N PRO I 53 -56.93 0.49 16.30
CA PRO I 53 -55.94 0.71 15.24
C PRO I 53 -56.03 2.10 14.62
N VAL I 54 -54.88 2.60 14.18
CA VAL I 54 -54.79 3.91 13.53
C VAL I 54 -53.87 3.75 12.32
N LYS I 55 -54.35 4.18 11.16
CA LYS I 55 -53.56 4.06 9.94
C LYS I 55 -53.15 5.44 9.44
N ILE I 56 -51.85 5.72 9.53
CA ILE I 56 -51.34 7.00 9.05
C ILE I 56 -50.82 6.78 7.63
N SER I 57 -51.53 7.32 6.65
CA SER I 57 -51.12 7.19 5.26
C SER I 57 -50.45 8.48 4.82
N LEU I 58 -49.14 8.45 4.70
CA LEU I 58 -48.40 9.63 4.29
C LEU I 58 -48.43 9.73 2.78
N GLU I 59 -48.38 10.95 2.28
CA GLU I 59 -48.38 11.16 0.84
C GLU I 59 -46.93 11.10 0.39
N PHE I 60 -46.33 9.90 0.43
CA PHE I 60 -44.92 9.72 0.07
C PHE I 60 -44.73 10.69 -1.10
N PRO I 61 -43.54 11.34 -1.17
CA PRO I 61 -42.40 12.15 -1.49
C PRO I 61 -42.61 13.44 -0.79
N SER I 62 -43.71 14.10 -1.13
CA SER I 62 -43.97 15.39 -0.53
C SER I 62 -44.05 15.40 0.99
N GLU I 63 -44.67 14.38 1.55
CA GLU I 63 -44.84 14.28 2.99
C GLU I 63 -43.95 13.25 3.67
N TYR I 64 -43.33 13.67 4.78
CA TYR I 64 -42.44 12.83 5.56
C TYR I 64 -42.42 13.26 7.04
N ILE I 65 -42.09 12.33 7.92
CA ILE I 65 -42.06 12.62 9.35
C ILE I 65 -40.89 13.54 9.71
N VAL I 66 -41.17 14.59 10.50
CA VAL I 66 -40.15 15.53 10.92
C VAL I 66 -39.93 15.41 12.42
N GLU I 67 -40.80 14.66 13.08
CA GLU I 67 -40.68 14.43 14.52
C GLU I 67 -41.57 13.34 15.08
N VAL I 68 -41.00 12.54 15.97
CA VAL I 68 -41.70 11.47 16.65
C VAL I 68 -41.57 11.81 18.12
N SER I 69 -42.67 11.72 18.86
CA SER I 69 -42.65 12.00 20.29
C SER I 69 -43.73 11.17 20.97
N GLY I 70 -43.70 11.14 22.30
CA GLY I 70 -44.70 10.38 23.03
C GLY I 70 -44.35 10.28 24.50
N TYR I 71 -44.98 9.33 25.19
CA TYR I 71 -44.73 9.14 26.62
C TYR I 71 -44.38 7.72 26.98
N VAL I 72 -43.51 7.59 27.97
CA VAL I 72 -43.09 6.29 28.47
C VAL I 72 -43.56 6.19 29.92
N GLY I 73 -44.19 5.08 30.26
CA GLY I 73 -44.69 4.89 31.62
C GLY I 73 -44.93 3.42 31.91
N LYS I 74 -45.40 3.13 33.12
CA LYS I 74 -45.66 1.75 33.51
C LYS I 74 -47.12 1.33 33.36
N VAL I 75 -47.29 0.10 32.89
CA VAL I 75 -48.60 -0.50 32.70
C VAL I 75 -48.47 -1.94 33.16
N GLU I 76 -49.20 -2.30 34.21
CA GLU I 76 -49.15 -3.67 34.72
C GLU I 76 -47.74 -4.06 35.15
N GLY I 77 -46.98 -3.10 35.64
CA GLY I 77 -45.63 -3.40 36.08
C GLY I 77 -44.56 -3.42 35.00
N TYR I 78 -44.90 -2.97 33.81
CA TYR I 78 -43.93 -2.95 32.72
C TYR I 78 -43.78 -1.55 32.16
N THR I 79 -42.55 -1.19 31.82
CA THR I 79 -42.28 0.12 31.24
C THR I 79 -42.50 0.01 29.74
N VAL I 80 -43.44 0.79 29.22
CA VAL I 80 -43.76 0.72 27.81
C VAL I 80 -44.08 2.10 27.24
N ILE I 81 -44.19 2.18 25.91
CA ILE I 81 -44.53 3.43 25.24
C ILE I 81 -46.04 3.54 25.37
N ARG I 82 -46.49 4.54 26.10
CA ARG I 82 -47.92 4.71 26.31
C ARG I 82 -48.60 5.61 25.30
N SER I 83 -47.82 6.47 24.64
CA SER I 83 -48.39 7.39 23.67
C SER I 83 -47.40 7.71 22.55
N LEU I 84 -47.94 8.13 21.41
CA LEU I 84 -47.11 8.50 20.26
C LEU I 84 -47.77 9.63 19.49
N THR I 85 -46.92 10.45 18.87
CA THR I 85 -47.37 11.57 18.07
C THR I 85 -46.40 11.66 16.89
N PHE I 86 -46.95 11.66 15.68
CA PHE I 86 -46.12 11.75 14.49
C PHE I 86 -46.37 13.05 13.77
N LYS I 87 -45.37 13.92 13.78
CA LYS I 87 -45.48 15.20 13.11
C LYS I 87 -44.75 15.15 11.77
N THR I 88 -45.45 15.51 10.70
CA THR I 88 -44.85 15.52 9.37
C THR I 88 -44.78 16.98 8.93
N ASN I 89 -44.23 17.22 7.76
CA ASN I 89 -44.12 18.57 7.24
C ASN I 89 -45.48 19.11 6.81
N LYS I 90 -46.47 18.24 6.78
CA LYS I 90 -47.82 18.63 6.37
C LYS I 90 -48.82 18.76 7.53
N GLN I 91 -48.74 17.85 8.49
CA GLN I 91 -49.67 17.91 9.61
C GLN I 91 -49.18 17.07 10.78
N THR I 92 -49.95 17.10 11.86
CA THR I 92 -49.62 16.34 13.05
C THR I 92 -50.69 15.28 13.28
N TYR I 93 -50.25 14.03 13.37
CA TYR I 93 -51.17 12.95 13.62
C TYR I 93 -51.23 12.85 15.13
N GLY I 94 -52.03 13.75 15.69
CA GLY I 94 -52.26 13.90 17.12
C GLY I 94 -51.97 12.74 18.04
N PRO I 95 -51.81 13.02 19.34
CA PRO I 95 -51.52 12.01 20.36
C PRO I 95 -52.46 10.80 20.31
N TYR I 96 -51.88 9.61 20.40
CA TYR I 96 -52.63 8.37 20.40
C TYR I 96 -52.15 7.60 21.63
N GLY I 97 -53.09 7.19 22.49
CA GLY I 97 -52.72 6.46 23.69
C GLY I 97 -52.85 7.31 24.93
N VAL I 98 -52.10 6.96 25.97
CA VAL I 98 -52.13 7.69 27.23
C VAL I 98 -50.92 8.61 27.34
N THR I 99 -51.16 9.91 27.37
CA THR I 99 -50.08 10.88 27.47
C THR I 99 -49.62 11.16 28.90
N ASN I 100 -49.31 10.11 29.64
CA ASN I 100 -48.85 10.25 31.02
C ASN I 100 -47.54 9.50 31.17
N GLY I 101 -46.64 10.06 31.99
CA GLY I 101 -45.36 9.43 32.22
C GLY I 101 -44.20 10.33 31.85
N THR I 102 -43.14 9.74 31.30
CA THR I 102 -41.96 10.50 30.91
C THR I 102 -41.98 10.79 29.42
N PRO I 103 -41.88 12.07 29.05
CA PRO I 103 -41.89 12.47 27.64
C PRO I 103 -40.57 12.18 26.95
N PHE I 104 -40.65 11.95 25.65
CA PHE I 104 -39.45 11.72 24.85
C PHE I 104 -39.77 12.33 23.51
N SER I 105 -38.74 12.81 22.82
CA SER I 105 -38.96 13.43 21.52
C SER I 105 -37.74 13.35 20.64
N LEU I 106 -37.97 13.03 19.38
CA LEU I 106 -36.89 12.97 18.42
C LEU I 106 -37.27 13.88 17.27
N PRO I 107 -36.91 15.16 17.35
CA PRO I 107 -37.23 16.10 16.28
C PRO I 107 -36.13 15.91 15.25
N ILE I 108 -36.48 15.98 13.97
CA ILE I 108 -35.48 15.80 12.92
C ILE I 108 -35.37 17.07 12.08
N GLU I 109 -34.27 17.79 12.26
CA GLU I 109 -34.01 19.04 11.55
C GLU I 109 -33.64 18.72 10.09
N ASN I 110 -32.90 17.64 9.89
CA ASN I 110 -32.53 17.22 8.54
C ASN I 110 -32.23 15.72 8.52
N GLY I 111 -32.84 15.03 7.56
CA GLY I 111 -32.66 13.61 7.46
C GLY I 111 -34.03 12.95 7.42
N LEU I 112 -34.05 11.64 7.21
CA LEU I 112 -35.31 10.90 7.14
C LEU I 112 -35.28 9.62 7.95
N ILE I 113 -36.44 9.23 8.46
CA ILE I 113 -36.58 7.99 9.20
C ILE I 113 -36.73 6.96 8.09
N VAL I 114 -35.93 5.89 8.13
CA VAL I 114 -35.99 4.87 7.10
C VAL I 114 -36.15 3.46 7.65
N GLY I 115 -36.48 3.35 8.93
CA GLY I 115 -36.66 2.06 9.54
C GLY I 115 -36.98 2.11 11.02
N PHE I 116 -37.59 1.03 11.52
CA PHE I 116 -37.94 0.91 12.93
C PHE I 116 -37.52 -0.47 13.42
N LYS I 117 -37.23 -0.56 14.71
CA LYS I 117 -36.86 -1.81 15.36
C LYS I 117 -37.33 -1.63 16.78
N GLY I 118 -37.45 -2.71 17.53
CA GLY I 118 -37.89 -2.59 18.90
C GLY I 118 -38.39 -3.90 19.49
N SER I 119 -39.39 -3.81 20.35
CA SER I 119 -39.96 -4.99 21.00
C SER I 119 -41.42 -4.77 21.36
N ILE I 120 -42.21 -5.83 21.21
CA ILE I 120 -43.62 -5.75 21.55
C ILE I 120 -44.05 -7.04 22.24
N GLY I 121 -44.76 -6.87 23.35
CA GLY I 121 -45.29 -7.99 24.11
C GLY I 121 -46.75 -7.67 24.16
N TYR I 122 -47.25 -7.28 25.33
CA TYR I 122 -48.65 -6.88 25.42
C TYR I 122 -48.72 -5.48 24.81
N TRP I 123 -47.63 -4.74 24.99
CA TRP I 123 -47.53 -3.38 24.47
C TRP I 123 -46.15 -3.09 23.87
N LEU I 124 -46.02 -1.95 23.21
CA LEU I 124 -44.76 -1.56 22.61
C LEU I 124 -43.78 -1.31 23.78
N ASP I 125 -42.84 -2.22 23.96
CA ASP I 125 -41.88 -2.12 25.06
C ASP I 125 -40.88 -0.97 24.85
N TYR I 126 -40.42 -0.84 23.62
CA TYR I 126 -39.45 0.19 23.25
C TYR I 126 -39.24 0.11 21.75
N PHE I 127 -38.57 1.11 21.19
CA PHE I 127 -38.29 1.10 19.76
C PHE I 127 -37.13 2.04 19.44
N SER I 128 -36.50 1.77 18.30
CA SER I 128 -35.40 2.60 17.82
C SER I 128 -35.71 2.98 16.38
N ILE I 129 -35.07 4.06 15.93
CA ILE I 129 -35.31 4.60 14.60
C ILE I 129 -34.04 4.66 13.76
N TYR I 130 -34.14 4.21 12.50
CA TYR I 130 -33.01 4.28 11.59
C TYR I 130 -33.12 5.64 10.91
N LEU I 131 -32.02 6.37 10.85
CA LEU I 131 -32.03 7.68 10.20
C LEU I 131 -31.05 7.70 9.03
N SER I 132 -31.41 8.44 8.00
CA SER I 132 -30.56 8.54 6.84
C SER I 132 -30.92 9.75 5.99
N LEU I 133 -30.01 10.12 5.10
CA LEU I 133 -30.25 11.22 4.18
C LEU I 133 -30.91 10.55 2.98
N ASN J 2 -16.83 -5.67 6.68
CA ASN J 2 -17.70 -6.67 6.01
C ASN J 2 -18.62 -6.00 4.99
N GLY J 3 -19.31 -6.81 4.19
CA GLY J 3 -20.19 -6.29 3.16
C GLY J 3 -21.58 -5.86 3.58
N LYS J 4 -21.78 -5.65 4.88
CA LYS J 4 -23.09 -5.24 5.38
C LYS J 4 -23.19 -3.72 5.53
N SER J 5 -24.07 -3.10 4.76
CA SER J 5 -24.26 -1.65 4.81
C SER J 5 -24.69 -1.24 6.22
N GLN J 6 -24.07 -0.19 6.73
CA GLN J 6 -24.34 0.32 8.07
C GLN J 6 -25.36 1.45 8.07
N SER J 7 -26.07 1.59 9.18
CA SER J 7 -27.08 2.64 9.31
C SER J 7 -26.94 3.38 10.63
N ILE J 8 -27.41 4.62 10.64
CA ILE J 8 -27.40 5.40 11.87
C ILE J 8 -28.70 4.99 12.58
N ILE J 9 -28.59 4.65 13.86
CA ILE J 9 -29.76 4.23 14.63
C ILE J 9 -29.79 4.98 15.95
N VAL J 10 -30.88 5.69 16.23
CA VAL J 10 -30.93 6.44 17.48
C VAL J 10 -31.61 5.71 18.63
N GLY J 11 -30.76 5.39 19.61
CA GLY J 11 -31.11 4.68 20.85
C GLY J 11 -32.56 4.45 21.12
N PRO J 12 -32.90 3.41 21.89
CA PRO J 12 -34.27 3.06 22.23
C PRO J 12 -34.95 4.00 23.21
N TRP J 13 -36.25 4.13 23.06
CA TRP J 13 -37.07 4.94 23.94
C TRP J 13 -38.12 3.97 24.46
N GLY J 14 -38.28 3.93 25.79
CA GLY J 14 -39.26 3.04 26.38
C GLY J 14 -38.69 1.95 27.27
N ASP J 15 -37.38 1.75 27.22
CA ASP J 15 -36.76 0.72 28.04
C ASP J 15 -36.09 1.37 29.26
N GLY K 1 27.42 -21.31 -34.12
CA GLY K 1 27.78 -22.44 -33.20
C GLY K 1 26.64 -22.80 -32.27
N VAL K 2 26.91 -23.73 -31.35
CA VAL K 2 25.92 -24.17 -30.38
C VAL K 2 26.09 -23.36 -29.10
N THR K 3 25.06 -22.60 -28.75
CA THR K 3 25.10 -21.77 -27.56
C THR K 3 24.94 -22.59 -26.28
N PHE K 4 25.62 -22.14 -25.24
CA PHE K 4 25.54 -22.78 -23.93
C PHE K 4 25.45 -21.69 -22.87
N ASP K 5 25.05 -22.10 -21.66
CA ASP K 5 24.91 -21.18 -20.54
C ASP K 5 24.91 -22.06 -19.31
N ASP K 6 26.02 -22.08 -18.58
CA ASP K 6 26.12 -22.89 -17.38
C ASP K 6 25.30 -22.30 -16.24
N GLY K 7 25.09 -21.00 -16.27
CA GLY K 7 24.35 -20.37 -15.20
C GLY K 7 25.29 -19.95 -14.09
N ALA K 8 24.74 -19.74 -12.89
CA ALA K 8 25.54 -19.30 -11.75
C ALA K 8 25.68 -20.35 -10.65
N TYR K 9 26.81 -20.30 -9.96
CA TYR K 9 27.14 -21.21 -8.87
C TYR K 9 27.81 -20.43 -7.76
N THR K 10 28.53 -21.09 -6.86
CA THR K 10 29.19 -20.39 -5.77
C THR K 10 30.70 -20.26 -5.92
N GLY K 11 31.23 -20.73 -7.04
CA GLY K 11 32.67 -20.62 -7.25
C GLY K 11 33.16 -21.50 -8.38
N ILE K 12 34.48 -21.59 -8.51
CA ILE K 12 35.09 -22.38 -9.57
C ILE K 12 36.19 -23.27 -9.03
N ARG K 13 36.07 -24.58 -9.32
CA ARG K 13 37.06 -25.56 -8.88
C ARG K 13 37.98 -25.97 -10.02
N GLU K 14 37.43 -26.10 -11.23
CA GLU K 14 38.25 -26.49 -12.37
C GLU K 14 37.72 -26.03 -13.71
N ILE K 15 38.65 -25.74 -14.62
CA ILE K 15 38.29 -25.28 -15.96
C ILE K 15 39.11 -26.08 -16.98
N ASN K 16 38.41 -26.77 -17.88
CA ASN K 16 39.06 -27.55 -18.92
C ASN K 16 38.65 -27.01 -20.29
N PHE K 17 39.61 -26.87 -21.19
CA PHE K 17 39.32 -26.38 -22.52
C PHE K 17 40.38 -26.77 -23.54
N GLU K 18 40.01 -26.71 -24.81
CA GLU K 18 40.91 -27.06 -25.90
C GLU K 18 41.42 -25.81 -26.61
N TYR K 19 42.61 -25.93 -27.18
CA TYR K 19 43.20 -24.83 -27.93
C TYR K 19 44.11 -25.38 -29.01
N ASN K 20 44.26 -24.62 -30.09
CA ASN K 20 45.11 -25.03 -31.20
C ASN K 20 46.05 -23.87 -31.50
N SER K 21 47.35 -24.14 -31.41
CA SER K 21 48.36 -23.12 -31.65
C SER K 21 48.29 -22.49 -33.03
N GLU K 22 47.46 -23.04 -33.91
CA GLU K 22 47.33 -22.49 -35.25
C GLU K 22 45.95 -21.92 -35.56
N THR K 23 44.94 -22.31 -34.78
CA THR K 23 43.58 -21.81 -35.02
C THR K 23 43.05 -20.98 -33.84
N ALA K 24 42.32 -21.61 -32.92
CA ALA K 24 41.77 -20.89 -31.78
C ALA K 24 41.39 -21.80 -30.61
N ILE K 25 40.55 -21.29 -29.72
CA ILE K 25 40.09 -22.04 -28.56
C ILE K 25 38.99 -23.02 -29.00
N GLY K 26 39.03 -24.23 -28.47
CA GLY K 26 38.05 -25.23 -28.84
C GLY K 26 36.93 -25.42 -27.84
N GLY K 27 36.75 -26.65 -27.38
CA GLY K 27 35.70 -26.96 -26.43
C GLY K 27 35.98 -26.48 -25.02
N LEU K 28 34.93 -26.46 -24.19
CA LEU K 28 35.04 -25.99 -22.81
C LEU K 28 34.18 -26.80 -21.83
N ARG K 29 34.75 -27.12 -20.68
CA ARG K 29 34.05 -27.85 -19.63
C ARG K 29 34.47 -27.31 -18.27
N VAL K 30 33.51 -26.79 -17.52
CA VAL K 30 33.80 -26.21 -16.21
C VAL K 30 33.24 -27.00 -15.04
N THR K 31 34.04 -27.13 -13.99
CA THR K 31 33.61 -27.81 -12.78
C THR K 31 33.47 -26.71 -11.74
N TYR K 32 32.23 -26.40 -11.40
CA TYR K 32 31.96 -25.34 -10.44
C TYR K 32 31.90 -25.87 -9.02
N ASP K 33 31.73 -24.94 -8.09
CA ASP K 33 31.55 -25.31 -6.71
C ASP K 33 30.11 -24.89 -6.50
N LEU K 34 29.36 -25.75 -5.83
CA LEU K 34 27.97 -25.46 -5.54
C LEU K 34 27.77 -25.72 -4.06
N ASN K 35 27.83 -24.66 -3.28
CA ASN K 35 27.62 -24.76 -1.83
C ASN K 35 28.53 -25.77 -1.16
N GLY K 36 29.81 -25.75 -1.52
CA GLY K 36 30.76 -26.65 -0.90
C GLY K 36 31.09 -27.92 -1.65
N MET K 37 30.23 -28.34 -2.58
CA MET K 37 30.51 -29.56 -3.33
C MET K 37 30.75 -29.28 -4.80
N PRO K 38 31.62 -30.07 -5.44
CA PRO K 38 31.91 -29.86 -6.85
C PRO K 38 30.68 -30.11 -7.72
N PHE K 39 30.54 -29.34 -8.79
CA PHE K 39 29.43 -29.51 -9.70
C PHE K 39 30.01 -29.42 -11.12
N VAL K 40 30.12 -30.57 -11.78
CA VAL K 40 30.65 -30.60 -13.13
C VAL K 40 29.56 -30.24 -14.11
N ALA K 41 29.72 -29.09 -14.77
CA ALA K 41 28.72 -28.65 -15.74
C ALA K 41 28.90 -29.40 -17.05
N GLU K 42 27.96 -29.16 -17.95
CA GLU K 42 27.96 -29.79 -19.27
C GLU K 42 29.24 -29.53 -20.06
N ASP K 43 29.72 -30.56 -20.74
CA ASP K 43 30.92 -30.43 -21.55
C ASP K 43 30.49 -29.78 -22.85
N HIS K 44 31.07 -28.63 -23.17
CA HIS K 44 30.73 -27.91 -24.39
C HIS K 44 31.82 -28.20 -25.41
N LYS K 45 31.56 -29.20 -26.25
CA LYS K 45 32.51 -29.65 -27.26
C LYS K 45 32.55 -28.86 -28.56
N SER K 46 33.68 -29.00 -29.25
CA SER K 46 33.89 -28.37 -30.55
C SER K 46 33.32 -29.32 -31.60
N PHE K 47 33.05 -28.79 -32.79
CA PHE K 47 32.53 -29.60 -33.88
C PHE K 47 33.62 -30.49 -34.44
N ILE K 48 34.88 -30.11 -34.18
CA ILE K 48 36.02 -30.84 -34.69
C ILE K 48 36.97 -31.29 -33.58
N THR K 49 38.07 -31.91 -33.96
CA THR K 49 39.06 -32.40 -33.00
C THR K 49 40.43 -31.86 -33.40
N GLY K 50 41.48 -32.40 -32.79
CA GLY K 50 42.83 -31.95 -33.12
C GLY K 50 43.38 -30.89 -32.18
N PHE K 51 42.63 -30.58 -31.13
CA PHE K 51 43.04 -29.57 -30.16
C PHE K 51 43.97 -30.15 -29.09
N LYS K 52 44.49 -29.28 -28.25
CA LYS K 52 45.36 -29.68 -27.14
C LYS K 52 44.63 -29.32 -25.84
N PRO K 53 44.09 -30.32 -25.14
CA PRO K 53 43.38 -30.03 -23.88
C PRO K 53 44.26 -29.47 -22.78
N VAL K 54 43.67 -28.66 -21.92
CA VAL K 54 44.36 -28.08 -20.79
C VAL K 54 43.40 -28.11 -19.61
N LYS K 55 43.87 -28.63 -18.48
CA LYS K 55 43.03 -28.72 -17.29
C LYS K 55 43.59 -27.85 -16.18
N ILE K 56 42.88 -26.78 -15.87
CA ILE K 56 43.30 -25.88 -14.80
C ILE K 56 42.58 -26.30 -13.52
N SER K 57 43.33 -26.87 -12.60
CA SER K 57 42.77 -27.31 -11.34
C SER K 57 43.05 -26.27 -10.27
N LEU K 58 42.03 -25.50 -9.92
CA LEU K 58 42.19 -24.45 -8.92
C LEU K 58 42.11 -25.02 -7.51
N GLU K 59 42.92 -24.48 -6.62
CA GLU K 59 42.89 -24.94 -5.23
C GLU K 59 41.73 -24.22 -4.57
N PHE K 60 40.51 -24.55 -5.00
CA PHE K 60 39.33 -23.93 -4.42
C PHE K 60 39.54 -23.90 -2.91
N PRO K 61 39.15 -22.79 -2.25
CA PRO K 61 38.75 -21.63 -1.46
C PRO K 61 39.83 -20.57 -1.57
N SER K 62 41.04 -20.98 -1.27
CA SER K 62 42.20 -20.08 -1.29
C SER K 62 42.57 -19.54 -2.66
N GLU K 63 42.37 -20.33 -3.71
CA GLU K 63 42.71 -19.88 -5.05
C GLU K 63 41.48 -19.56 -5.89
N TYR K 64 41.49 -18.39 -6.52
CA TYR K 64 40.37 -17.97 -7.36
C TYR K 64 40.88 -17.04 -8.46
N ILE K 65 40.18 -17.03 -9.59
CA ILE K 65 40.56 -16.20 -10.72
C ILE K 65 40.36 -14.71 -10.43
N VAL K 66 41.38 -13.90 -10.76
CA VAL K 66 41.31 -12.47 -10.54
C VAL K 66 41.33 -11.72 -11.87
N GLU K 67 41.55 -12.46 -12.96
CA GLU K 67 41.53 -11.85 -14.28
C GLU K 67 41.48 -12.85 -15.42
N VAL K 68 40.63 -12.56 -16.40
CA VAL K 68 40.51 -13.39 -17.58
C VAL K 68 40.85 -12.46 -18.76
N SER K 69 41.73 -12.92 -19.65
CA SER K 69 42.09 -12.12 -20.81
C SER K 69 42.35 -13.03 -21.98
N GLY K 70 42.56 -12.46 -23.16
CA GLY K 70 42.83 -13.26 -24.34
C GLY K 70 42.75 -12.45 -25.62
N TYR K 71 42.61 -13.15 -26.75
CA TYR K 71 42.52 -12.49 -28.05
C TYR K 71 41.34 -12.96 -28.88
N VAL K 72 40.77 -12.03 -29.64
CA VAL K 72 39.64 -12.30 -30.51
C VAL K 72 40.08 -12.03 -31.94
N GLY K 73 39.90 -13.02 -32.81
CA GLY K 73 40.30 -12.85 -34.19
C GLY K 73 39.50 -13.73 -35.14
N LYS K 74 39.85 -13.67 -36.42
CA LYS K 74 39.15 -14.46 -37.41
C LYS K 74 39.91 -15.73 -37.76
N VAL K 75 39.15 -16.79 -38.00
CA VAL K 75 39.71 -18.08 -38.38
C VAL K 75 38.72 -18.66 -39.37
N GLU K 76 39.15 -18.81 -40.63
CA GLU K 76 38.28 -19.35 -41.66
C GLU K 76 37.11 -18.38 -41.84
N GLY K 77 37.39 -17.10 -41.60
CA GLY K 77 36.37 -16.08 -41.73
C GLY K 77 35.51 -15.84 -40.50
N TYR K 78 35.63 -16.72 -39.50
CA TYR K 78 34.83 -16.56 -38.29
C TYR K 78 35.57 -15.86 -37.16
N THR K 79 34.88 -14.94 -36.51
CA THR K 79 35.45 -14.21 -35.38
C THR K 79 35.27 -15.08 -34.14
N VAL K 80 36.39 -15.49 -33.54
CA VAL K 80 36.33 -16.35 -32.37
C VAL K 80 37.42 -15.99 -31.36
N ILE K 81 37.37 -16.66 -30.21
CA ILE K 81 38.35 -16.46 -29.16
C ILE K 81 39.56 -17.30 -29.53
N ARG K 82 40.63 -16.65 -29.94
CA ARG K 82 41.83 -17.34 -30.36
C ARG K 82 42.79 -17.69 -29.23
N SER K 83 42.75 -16.93 -28.14
CA SER K 83 43.63 -17.17 -27.01
C SER K 83 42.98 -16.85 -25.67
N LEU K 84 43.47 -17.47 -24.61
CA LEU K 84 42.95 -17.24 -23.26
C LEU K 84 44.05 -17.33 -22.22
N THR K 85 43.93 -16.51 -21.19
CA THR K 85 44.87 -16.48 -20.08
C THR K 85 44.07 -16.30 -18.80
N PHE K 86 44.26 -17.21 -17.86
CA PHE K 86 43.56 -17.12 -16.58
C PHE K 86 44.57 -16.84 -15.48
N LYS K 87 44.38 -15.70 -14.82
CA LYS K 87 45.25 -15.30 -13.73
C LYS K 87 44.50 -15.43 -12.41
N THR K 88 45.08 -16.15 -11.46
CA THR K 88 44.47 -16.31 -10.16
C THR K 88 45.32 -15.54 -9.16
N ASN K 89 44.94 -15.58 -7.90
CA ASN K 89 45.69 -14.87 -6.86
C ASN K 89 46.97 -15.61 -6.52
N LYS K 90 47.11 -16.83 -7.03
CA LYS K 90 48.29 -17.64 -6.77
C LYS K 90 49.24 -17.71 -7.96
N GLN K 91 48.69 -17.80 -9.16
CA GLN K 91 49.54 -17.88 -10.35
C GLN K 91 48.80 -17.59 -11.64
N THR K 92 49.55 -17.54 -12.73
CA THR K 92 48.99 -17.29 -14.04
C THR K 92 49.08 -18.54 -14.89
N TYR K 93 47.95 -18.96 -15.45
CA TYR K 93 47.95 -20.12 -16.30
C TYR K 93 48.13 -19.53 -17.70
N GLY K 94 49.42 -19.31 -17.99
CA GLY K 94 49.90 -18.73 -19.24
C GLY K 94 49.03 -18.82 -20.47
N PRO K 95 49.31 -17.95 -21.47
CA PRO K 95 48.59 -17.89 -22.74
C PRO K 95 48.44 -19.25 -23.41
N TYR K 96 47.21 -19.57 -23.79
CA TYR K 96 46.93 -20.83 -24.49
C TYR K 96 46.24 -20.41 -25.78
N GLY K 97 46.75 -20.89 -26.92
CA GLY K 97 46.17 -20.53 -28.19
C GLY K 97 46.99 -19.53 -28.98
N VAL K 98 46.35 -18.84 -29.92
CA VAL K 98 47.03 -17.86 -30.76
C VAL K 98 46.80 -16.43 -30.26
N THR K 99 47.86 -15.84 -29.72
CA THR K 99 47.79 -14.48 -29.19
C THR K 99 47.86 -13.41 -30.27
N ASN K 100 46.98 -13.52 -31.27
CA ASN K 100 46.96 -12.55 -32.35
C ASN K 100 45.54 -12.06 -32.59
N GLY K 101 45.39 -10.75 -32.72
CA GLY K 101 44.08 -10.17 -32.96
C GLY K 101 43.80 -9.01 -32.01
N THR K 102 42.54 -8.85 -31.63
CA THR K 102 42.16 -7.79 -30.71
C THR K 102 42.15 -8.30 -29.27
N PRO K 103 42.94 -7.70 -28.38
CA PRO K 103 43.00 -8.12 -26.98
C PRO K 103 41.75 -7.70 -26.19
N PHE K 104 41.45 -8.49 -25.16
CA PHE K 104 40.33 -8.19 -24.26
C PHE K 104 40.81 -8.66 -22.90
N SER K 105 40.38 -7.97 -21.85
CA SER K 105 40.78 -8.34 -20.51
C SER K 105 39.70 -7.95 -19.51
N LEU K 106 39.51 -8.80 -18.51
CA LEU K 106 38.53 -8.55 -17.49
C LEU K 106 39.19 -8.75 -16.14
N PRO K 107 39.81 -7.68 -15.61
CA PRO K 107 40.48 -7.78 -14.30
C PRO K 107 39.37 -7.65 -13.27
N ILE K 108 39.44 -8.43 -12.20
CA ILE K 108 38.43 -8.37 -11.16
C ILE K 108 39.09 -7.87 -9.89
N GLU K 109 38.78 -6.63 -9.51
CA GLU K 109 39.35 -6.01 -8.32
C GLU K 109 38.69 -6.59 -7.06
N ASN K 110 37.39 -6.83 -7.14
CA ASN K 110 36.65 -7.42 -6.03
C ASN K 110 35.42 -8.13 -6.57
N GLY K 111 35.28 -9.40 -6.20
CA GLY K 111 34.15 -10.17 -6.69
C GLY K 111 34.64 -11.51 -7.23
N LEU K 112 33.71 -12.36 -7.64
CA LEU K 112 34.08 -13.67 -8.14
C LEU K 112 33.33 -14.09 -9.39
N ILE K 113 34.02 -14.83 -10.25
CA ILE K 113 33.43 -15.37 -11.46
C ILE K 113 32.69 -16.58 -10.91
N VAL K 114 31.40 -16.68 -11.21
CA VAL K 114 30.62 -17.80 -10.71
C VAL K 114 29.85 -18.52 -11.82
N GLY K 115 30.23 -18.26 -13.06
CA GLY K 115 29.57 -18.91 -14.19
C GLY K 115 30.01 -18.42 -15.55
N PHE K 116 29.84 -19.29 -16.55
CA PHE K 116 30.19 -18.97 -17.93
C PHE K 116 29.03 -19.32 -18.86
N LYS K 117 28.97 -18.64 -20.00
CA LYS K 117 27.96 -18.90 -21.01
C LYS K 117 28.62 -18.51 -22.32
N GLY K 118 28.01 -18.88 -23.45
CA GLY K 118 28.61 -18.52 -24.72
C GLY K 118 28.15 -19.36 -25.89
N SER K 119 29.07 -19.65 -26.81
CA SER K 119 28.76 -20.45 -27.99
C SER K 119 30.01 -21.11 -28.54
N ILE K 120 29.85 -22.32 -29.04
CA ILE K 120 30.97 -23.06 -29.60
C ILE K 120 30.57 -23.85 -30.85
N GLY K 121 31.32 -23.63 -31.92
CA GLY K 121 31.09 -24.33 -33.18
C GLY K 121 32.36 -25.13 -33.38
N TYR K 122 33.20 -24.70 -34.30
CA TYR K 122 34.48 -25.38 -34.52
C TYR K 122 35.39 -24.87 -33.41
N TRP K 123 35.16 -23.60 -33.02
CA TRP K 123 35.94 -22.95 -31.97
C TRP K 123 35.02 -22.12 -31.08
N LEU K 124 35.56 -21.62 -29.97
CA LEU K 124 34.78 -20.79 -29.05
C LEU K 124 34.37 -19.50 -29.77
N ASP K 125 33.09 -19.39 -30.13
CA ASP K 125 32.58 -18.21 -30.84
C ASP K 125 32.65 -16.94 -30.01
N TYR K 126 32.19 -17.04 -28.76
CA TYR K 126 32.19 -15.90 -27.84
C TYR K 126 31.77 -16.42 -26.46
N PHE K 127 31.96 -15.58 -25.44
CA PHE K 127 31.58 -15.99 -24.10
C PHE K 127 31.34 -14.78 -23.19
N SER K 128 30.57 -15.02 -22.14
CA SER K 128 30.26 -14.00 -21.15
C SER K 128 30.52 -14.60 -19.78
N ILE K 129 30.69 -13.75 -18.78
CA ILE K 129 31.00 -14.21 -17.44
C ILE K 129 30.04 -13.70 -16.37
N TYR K 130 29.59 -14.61 -15.49
CA TYR K 130 28.70 -14.25 -14.38
C TYR K 130 29.57 -13.79 -13.21
N LEU K 131 29.28 -12.62 -12.64
CA LEU K 131 30.06 -12.13 -11.50
C LEU K 131 29.16 -12.00 -10.28
N SER K 132 29.75 -12.20 -9.11
CA SER K 132 28.99 -12.11 -7.88
C SER K 132 29.91 -12.03 -6.69
N LEU K 133 29.39 -11.53 -5.58
CA LEU K 133 30.14 -11.47 -4.34
C LEU K 133 29.96 -12.86 -3.73
N ASN L 2 9.72 -11.99 -11.09
CA ASN L 2 9.48 -13.46 -11.05
C ASN L 2 10.40 -14.13 -10.03
N GLY L 3 10.27 -15.44 -9.90
CA GLY L 3 11.07 -16.17 -8.92
C GLY L 3 12.45 -16.63 -9.36
N LYS L 4 12.97 -16.04 -10.43
CA LYS L 4 14.28 -16.41 -10.95
C LYS L 4 15.40 -15.46 -10.49
N SER L 5 16.32 -15.98 -9.70
CA SER L 5 17.44 -15.18 -9.21
C SER L 5 18.25 -14.58 -10.37
N GLN L 6 18.56 -13.29 -10.26
CA GLN L 6 19.30 -12.56 -11.27
C GLN L 6 20.80 -12.56 -10.99
N SER L 7 21.59 -12.34 -12.04
CA SER L 7 23.05 -12.29 -11.91
C SER L 7 23.66 -11.20 -12.75
N ILE L 8 24.81 -10.68 -12.32
CA ILE L 8 25.54 -9.68 -13.08
C ILE L 8 26.30 -10.50 -14.12
N ILE L 9 26.20 -10.11 -15.38
CA ILE L 9 26.91 -10.81 -16.44
C ILE L 9 27.61 -9.78 -17.29
N VAL L 10 28.91 -9.94 -17.49
CA VAL L 10 29.63 -8.96 -18.28
C VAL L 10 29.76 -9.35 -19.75
N GLY L 11 29.10 -8.53 -20.58
CA GLY L 11 29.04 -8.68 -22.03
C GLY L 11 29.95 -9.70 -22.68
N PRO L 12 29.56 -10.20 -23.86
CA PRO L 12 30.37 -11.19 -24.57
C PRO L 12 31.64 -10.63 -25.19
N TRP L 13 32.61 -11.51 -25.37
CA TRP L 13 33.88 -11.19 -26.02
C TRP L 13 33.95 -12.24 -27.11
N GLY L 14 34.28 -11.82 -28.33
CA GLY L 14 34.35 -12.75 -29.44
C GLY L 14 33.39 -12.41 -30.56
N ASP L 15 32.69 -11.28 -30.42
CA ASP L 15 31.76 -10.84 -31.46
C ASP L 15 32.51 -10.03 -32.50
N GLY M 1 -30.79 0.85 -25.46
CA GLY M 1 -31.54 -0.35 -25.02
C GLY M 1 -32.56 0.00 -23.95
N VAL M 2 -32.98 -1.00 -23.17
CA VAL M 2 -33.95 -0.78 -22.12
C VAL M 2 -33.22 -0.37 -20.84
N THR M 3 -33.58 0.78 -20.28
CA THR M 3 -32.95 1.26 -19.05
C THR M 3 -33.46 0.49 -17.83
N PHE M 4 -32.67 0.49 -16.76
CA PHE M 4 -33.05 -0.18 -15.52
C PHE M 4 -32.40 0.50 -14.33
N ASP M 5 -33.01 0.33 -13.16
CA ASP M 5 -32.48 0.92 -11.94
C ASP M 5 -32.96 0.09 -10.75
N ASP M 6 -32.08 -0.73 -10.21
CA ASP M 6 -32.44 -1.58 -9.08
C ASP M 6 -32.67 -0.79 -7.81
N GLY M 7 -32.01 0.35 -7.67
CA GLY M 7 -32.16 1.13 -6.46
C GLY M 7 -31.05 0.71 -5.50
N ALA M 8 -31.17 1.10 -4.24
CA ALA M 8 -30.15 0.76 -3.25
C ALA M 8 -30.61 -0.29 -2.25
N TYR M 9 -29.66 -1.08 -1.77
CA TYR M 9 -29.95 -2.14 -0.80
C TYR M 9 -28.89 -2.13 0.30
N THR M 10 -28.74 -3.21 1.03
CA THR M 10 -27.76 -3.23 2.12
C THR M 10 -26.51 -4.04 1.82
N GLY M 11 -26.40 -4.54 0.60
CA GLY M 11 -25.24 -5.33 0.24
C GLY M 11 -25.50 -6.18 -0.99
N ILE M 12 -24.51 -6.99 -1.36
CA ILE M 12 -24.63 -7.86 -2.52
C ILE M 12 -24.31 -9.31 -2.20
N ARG M 13 -25.23 -10.20 -2.55
CA ARG M 13 -25.06 -11.63 -2.30
C ARG M 13 -24.67 -12.39 -3.56
N GLU M 14 -25.19 -11.98 -4.70
CA GLU M 14 -24.88 -12.68 -5.94
C GLU M 14 -25.05 -11.84 -7.19
N ILE M 15 -24.17 -12.06 -8.16
CA ILE M 15 -24.23 -11.34 -9.42
C ILE M 15 -24.21 -12.32 -10.59
N ASN M 16 -25.27 -12.32 -11.39
CA ASN M 16 -25.38 -13.19 -12.55
C ASN M 16 -25.42 -12.35 -13.82
N PHE M 17 -24.53 -12.62 -14.77
CA PHE M 17 -24.54 -11.86 -16.00
C PHE M 17 -24.09 -12.71 -17.18
N GLU M 18 -24.38 -12.24 -18.39
CA GLU M 18 -24.00 -12.94 -19.60
C GLU M 18 -22.85 -12.25 -20.31
N TYR M 19 -22.09 -13.05 -21.06
CA TYR M 19 -20.97 -12.50 -21.82
C TYR M 19 -20.70 -13.38 -23.03
N ASN M 20 -20.09 -12.79 -24.04
CA ASN M 20 -19.76 -13.49 -25.27
C ASN M 20 -18.33 -13.12 -25.64
N SER M 21 -17.44 -14.10 -25.65
CA SER M 21 -16.04 -13.88 -25.97
C SER M 21 -15.80 -13.16 -27.29
N GLU M 22 -16.82 -13.06 -28.13
CA GLU M 22 -16.66 -12.39 -29.43
C GLU M 22 -17.39 -11.06 -29.53
N THR M 23 -18.29 -10.79 -28.60
CA THR M 23 -19.03 -9.53 -28.64
C THR M 23 -18.82 -8.71 -27.36
N ALA M 24 -19.80 -8.76 -26.45
CA ALA M 24 -19.70 -8.01 -25.21
C ALA M 24 -20.56 -8.61 -24.10
N ILE M 25 -20.79 -7.82 -23.05
CA ILE M 25 -21.60 -8.25 -21.91
C ILE M 25 -23.07 -8.25 -22.28
N GLY M 26 -23.79 -9.30 -21.88
CA GLY M 26 -25.20 -9.38 -22.19
C GLY M 26 -26.08 -8.97 -21.02
N GLY M 27 -26.97 -9.86 -20.60
CA GLY M 27 -27.87 -9.58 -19.50
C GLY M 27 -27.24 -9.57 -18.13
N LEU M 28 -27.97 -9.03 -17.16
CA LEU M 28 -27.48 -8.93 -15.78
C LEU M 28 -28.60 -9.07 -14.75
N ARG M 29 -28.35 -9.85 -13.71
CA ARG M 29 -29.33 -10.06 -12.65
C ARG M 29 -28.60 -10.04 -11.30
N VAL M 30 -28.99 -9.14 -10.42
CA VAL M 30 -28.33 -9.05 -9.13
C VAL M 30 -29.18 -9.49 -7.95
N THR M 31 -28.58 -10.25 -7.04
CA THR M 31 -29.26 -10.69 -5.84
C THR M 31 -28.60 -9.89 -4.73
N TYR M 32 -29.34 -8.92 -4.20
CA TYR M 32 -28.85 -8.05 -3.14
C TYR M 32 -29.18 -8.60 -1.78
N ASP M 33 -28.64 -7.95 -0.76
CA ASP M 33 -29.00 -8.31 0.60
C ASP M 33 -29.87 -7.13 1.02
N LEU M 34 -30.98 -7.44 1.67
CA LEU M 34 -31.87 -6.40 2.14
C LEU M 34 -32.11 -6.69 3.61
N ASN M 35 -31.36 -6.00 4.45
CA ASN M 35 -31.51 -6.16 5.89
C ASN M 35 -31.35 -7.60 6.33
N GLY M 36 -30.30 -8.26 5.85
CA GLY M 36 -30.07 -9.64 6.24
C GLY M 36 -30.72 -10.74 5.41
N MET M 37 -31.73 -10.42 4.61
CA MET M 37 -32.36 -11.44 3.79
C MET M 37 -32.09 -11.18 2.30
N PRO M 38 -31.97 -12.25 1.51
CA PRO M 38 -31.71 -12.08 0.08
C PRO M 38 -32.86 -11.40 -0.64
N PHE M 39 -32.53 -10.57 -1.62
CA PHE M 39 -33.54 -9.89 -2.40
C PHE M 39 -33.10 -9.99 -3.85
N VAL M 40 -33.77 -10.87 -4.59
CA VAL M 40 -33.44 -11.05 -6.00
C VAL M 40 -34.09 -9.93 -6.80
N ALA M 41 -33.27 -9.07 -7.39
CA ALA M 41 -33.77 -7.97 -8.19
C ALA M 41 -34.19 -8.43 -9.57
N GLU M 42 -34.78 -7.52 -10.32
CA GLU M 42 -35.27 -7.80 -11.66
C GLU M 42 -34.16 -8.30 -12.56
N ASP M 43 -34.49 -9.23 -13.45
CA ASP M 43 -33.53 -9.76 -14.39
C ASP M 43 -33.54 -8.85 -15.62
N HIS M 44 -32.39 -8.26 -15.93
CA HIS M 44 -32.31 -7.38 -17.08
C HIS M 44 -31.67 -8.14 -18.22
N LYS M 45 -32.54 -8.61 -19.10
CA LYS M 45 -32.15 -9.43 -20.23
C LYS M 45 -31.68 -8.72 -21.49
N SER M 46 -30.83 -9.44 -22.22
CA SER M 46 -30.32 -8.97 -23.49
C SER M 46 -31.43 -9.21 -24.49
N PHE M 47 -31.46 -8.44 -25.58
CA PHE M 47 -32.47 -8.62 -26.60
C PHE M 47 -32.26 -9.92 -27.34
N ILE M 48 -31.04 -10.46 -27.27
CA ILE M 48 -30.71 -11.69 -27.95
C ILE M 48 -30.17 -12.78 -27.03
N THR M 49 -29.75 -13.90 -27.62
CA THR M 49 -29.21 -15.00 -26.85
C THR M 49 -27.85 -15.41 -27.41
N GLY M 50 -27.32 -16.52 -26.91
CA GLY M 50 -26.03 -17.00 -27.37
C GLY M 50 -24.89 -16.58 -26.46
N PHE M 51 -25.22 -16.29 -25.20
CA PHE M 51 -24.24 -15.86 -24.21
C PHE M 51 -23.84 -16.99 -23.26
N LYS M 52 -22.75 -16.77 -22.53
CA LYS M 52 -22.27 -17.73 -21.54
C LYS M 52 -22.52 -17.13 -20.15
N PRO M 53 -23.53 -17.64 -19.44
CA PRO M 53 -23.83 -17.12 -18.10
C PRO M 53 -22.74 -17.40 -17.08
N VAL M 54 -22.58 -16.49 -16.13
CA VAL M 54 -21.59 -16.63 -15.07
C VAL M 54 -22.29 -16.24 -13.78
N LYS M 55 -22.13 -17.05 -12.75
CA LYS M 55 -22.79 -16.78 -11.48
C LYS M 55 -21.80 -16.55 -10.35
N ILE M 56 -21.63 -15.29 -9.98
CA ILE M 56 -20.72 -14.93 -8.90
C ILE M 56 -21.48 -14.94 -7.58
N SER M 57 -21.28 -16.00 -6.81
CA SER M 57 -21.93 -16.14 -5.51
C SER M 57 -20.95 -15.65 -4.46
N LEU M 58 -21.24 -14.49 -3.88
CA LEU M 58 -20.36 -13.93 -2.86
C LEU M 58 -20.71 -14.49 -1.50
N GLU M 59 -19.72 -14.63 -0.64
CA GLU M 59 -19.96 -15.14 0.70
C GLU M 59 -20.36 -13.93 1.53
N PHE M 60 -21.56 -13.41 1.26
CA PHE M 60 -22.05 -12.22 1.98
C PHE M 60 -21.61 -12.42 3.43
N PRO M 61 -21.15 -11.34 4.10
CA PRO M 61 -20.62 -10.39 5.06
C PRO M 61 -19.14 -10.38 4.92
N SER M 62 -18.53 -11.54 5.03
CA SER M 62 -17.10 -11.58 4.96
C SER M 62 -16.56 -11.17 3.61
N GLU M 63 -17.28 -11.52 2.55
CA GLU M 63 -16.84 -11.20 1.20
C GLU M 63 -17.66 -10.10 0.54
N TYR M 64 -16.97 -9.14 -0.08
CA TYR M 64 -17.62 -8.04 -0.76
C TYR M 64 -16.72 -7.49 -1.88
N ILE M 65 -17.34 -6.85 -2.86
CA ILE M 65 -16.63 -6.28 -4.00
C ILE M 65 -15.79 -5.07 -3.61
N VAL M 66 -14.52 -5.07 -3.99
CA VAL M 66 -13.61 -3.97 -3.69
C VAL M 66 -13.22 -3.21 -4.96
N GLU M 67 -13.60 -3.77 -6.11
CA GLU M 67 -13.31 -3.13 -7.38
C GLU M 67 -14.05 -3.76 -8.55
N VAL M 68 -14.57 -2.91 -9.42
CA VAL M 68 -15.25 -3.35 -10.63
C VAL M 68 -14.50 -2.67 -11.77
N SER M 69 -14.14 -3.43 -12.78
CA SER M 69 -13.42 -2.89 -13.91
C SER M 69 -13.81 -3.64 -15.19
N GLY M 70 -13.32 -3.16 -16.32
CA GLY M 70 -13.63 -3.82 -17.58
C GLY M 70 -13.26 -2.96 -18.78
N TYR M 71 -13.77 -3.34 -19.94
CA TYR M 71 -13.50 -2.61 -21.16
C TYR M 71 -14.77 -2.15 -21.85
N VAL M 72 -14.69 -0.94 -22.42
CA VAL M 72 -15.79 -0.35 -23.15
C VAL M 72 -15.36 -0.34 -24.61
N GLY M 73 -16.30 -0.60 -25.52
CA GLY M 73 -15.96 -0.61 -26.92
C GLY M 73 -17.18 -0.65 -27.83
N LYS M 74 -16.93 -0.78 -29.12
CA LYS M 74 -18.02 -0.83 -30.08
C LYS M 74 -18.26 -2.23 -30.63
N VAL M 75 -19.53 -2.55 -30.79
CA VAL M 75 -19.96 -3.83 -31.34
C VAL M 75 -21.16 -3.50 -32.22
N GLU M 76 -21.02 -3.74 -33.52
CA GLU M 76 -22.08 -3.46 -34.47
C GLU M 76 -22.38 -1.97 -34.47
N GLY M 77 -21.38 -1.17 -34.10
CA GLY M 77 -21.57 0.27 -34.08
C GLY M 77 -22.03 0.86 -32.76
N TYR M 78 -22.33 0.02 -31.79
CA TYR M 78 -22.78 0.50 -30.50
C TYR M 78 -21.70 0.43 -29.43
N THR M 79 -21.57 1.51 -28.67
CA THR M 79 -20.59 1.56 -27.59
C THR M 79 -21.22 0.83 -26.42
N VAL M 80 -20.59 -0.26 -25.98
CA VAL M 80 -21.14 -1.05 -24.88
C VAL M 80 -20.01 -1.56 -23.97
N ILE M 81 -20.39 -2.19 -22.86
CA ILE M 81 -19.40 -2.74 -21.94
C ILE M 81 -19.07 -4.10 -22.53
N ARG M 82 -17.81 -4.33 -22.87
CA ARG M 82 -17.41 -5.58 -23.48
C ARG M 82 -16.77 -6.58 -22.55
N SER M 83 -16.28 -6.09 -21.42
CA SER M 83 -15.61 -6.95 -20.46
C SER M 83 -15.85 -6.47 -19.04
N LEU M 84 -15.85 -7.41 -18.10
CA LEU M 84 -16.05 -7.08 -16.70
C LEU M 84 -15.21 -7.98 -15.81
N THR M 85 -14.71 -7.38 -14.74
CA THR M 85 -13.89 -8.08 -13.76
C THR M 85 -14.35 -7.60 -12.39
N PHE M 86 -14.74 -8.54 -11.53
CA PHE M 86 -15.17 -8.21 -10.20
C PHE M 86 -14.17 -8.71 -9.20
N LYS M 87 -13.51 -7.79 -8.49
CA LYS M 87 -12.53 -8.15 -7.49
C LYS M 87 -13.13 -7.95 -6.10
N THR M 88 -13.01 -8.96 -5.26
CA THR M 88 -13.53 -8.89 -3.89
C THR M 88 -12.33 -8.94 -2.96
N ASN M 89 -12.59 -8.94 -1.66
CA ASN M 89 -11.52 -9.00 -0.68
C ASN M 89 -11.02 -10.43 -0.50
N LYS M 90 -11.66 -11.37 -1.18
CA LYS M 90 -11.28 -12.77 -1.09
C LYS M 90 -10.63 -13.28 -2.36
N GLN M 91 -11.18 -12.90 -3.51
CA GLN M 91 -10.62 -13.34 -4.77
C GLN M 91 -11.04 -12.45 -5.92
N THR M 92 -10.54 -12.78 -7.11
CA THR M 92 -10.87 -12.02 -8.31
C THR M 92 -11.65 -12.92 -9.27
N TYR M 93 -12.84 -12.46 -9.66
CA TYR M 93 -13.65 -13.22 -10.60
C TYR M 93 -13.19 -12.70 -11.95
N GLY M 94 -12.08 -13.30 -12.40
CA GLY M 94 -11.40 -13.00 -13.65
C GLY M 94 -12.19 -12.31 -14.74
N PRO M 95 -11.49 -11.71 -15.70
CA PRO M 95 -12.17 -11.02 -16.80
C PRO M 95 -13.13 -11.94 -17.55
N TYR M 96 -14.28 -11.38 -17.90
CA TYR M 96 -15.29 -12.11 -18.67
C TYR M 96 -15.63 -11.22 -19.84
N GLY M 97 -15.58 -11.78 -21.04
CA GLY M 97 -15.89 -10.99 -22.22
C GLY M 97 -14.68 -10.66 -23.07
N VAL M 98 -14.80 -9.60 -23.85
CA VAL M 98 -13.72 -9.16 -24.74
C VAL M 98 -12.96 -8.01 -24.08
N THR M 99 -11.71 -8.27 -23.71
CA THR M 99 -10.88 -7.27 -23.06
C THR M 99 -10.17 -6.36 -24.06
N ASN M 100 -10.95 -5.70 -24.91
CA ASN M 100 -10.42 -4.78 -25.91
C ASN M 100 -11.22 -3.49 -25.86
N GLY M 101 -10.58 -2.39 -26.25
CA GLY M 101 -11.25 -1.10 -26.23
C GLY M 101 -10.70 -0.16 -25.19
N THR M 102 -11.56 0.63 -24.57
CA THR M 102 -11.14 1.57 -23.54
C THR M 102 -11.45 1.02 -22.15
N PRO M 103 -10.40 0.83 -21.33
CA PRO M 103 -10.57 0.29 -19.96
C PRO M 103 -11.20 1.31 -19.01
N PHE M 104 -11.74 0.79 -17.91
CA PHE M 104 -12.35 1.63 -16.90
C PHE M 104 -12.27 0.88 -15.59
N SER M 105 -12.29 1.61 -14.48
CA SER M 105 -12.24 0.94 -13.19
C SER M 105 -12.78 1.78 -12.06
N LEU M 106 -13.44 1.12 -11.11
CA LEU M 106 -13.97 1.77 -9.94
C LEU M 106 -13.46 1.00 -8.74
N PRO M 107 -12.24 1.32 -8.28
CA PRO M 107 -11.78 0.55 -7.13
C PRO M 107 -12.38 1.24 -5.90
N ILE M 108 -12.68 0.47 -4.85
CA ILE M 108 -13.26 1.07 -3.66
C ILE M 108 -12.38 0.88 -2.44
N GLU M 109 -11.84 1.98 -1.92
CA GLU M 109 -10.97 1.94 -0.77
C GLU M 109 -11.80 1.78 0.52
N ASN M 110 -12.95 2.44 0.57
CA ASN M 110 -13.84 2.30 1.71
C ASN M 110 -15.27 2.56 1.27
N GLY M 111 -16.17 1.63 1.60
CA GLY M 111 -17.56 1.76 1.21
C GLY M 111 -18.02 0.47 0.54
N LEU M 112 -19.29 0.44 0.18
CA LEU M 112 -19.85 -0.76 -0.45
C LEU M 112 -20.74 -0.46 -1.63
N ILE M 113 -20.75 -1.37 -2.59
CA ILE M 113 -21.61 -1.24 -3.75
C ILE M 113 -22.93 -1.75 -3.20
N VAL M 114 -24.00 -0.97 -3.33
CA VAL M 114 -25.30 -1.40 -2.81
C VAL M 114 -26.41 -1.31 -3.85
N GLY M 115 -26.04 -1.19 -5.12
CA GLY M 115 -27.03 -1.11 -6.17
C GLY M 115 -26.44 -0.85 -7.55
N PHE M 116 -27.18 -1.24 -8.58
CA PHE M 116 -26.76 -1.04 -9.96
C PHE M 116 -27.90 -0.44 -10.76
N LYS M 117 -27.54 0.30 -11.81
CA LYS M 117 -28.51 0.89 -12.71
C LYS M 117 -27.81 0.95 -14.06
N GLY M 118 -28.57 1.13 -15.13
CA GLY M 118 -27.96 1.20 -16.44
C GLY M 118 -28.93 0.96 -17.58
N SER M 119 -28.44 0.33 -18.64
CA SER M 119 -29.25 0.05 -19.81
C SER M 119 -28.73 -1.16 -20.54
N ILE M 120 -29.64 -1.95 -21.10
CA ILE M 120 -29.26 -3.14 -21.84
C ILE M 120 -30.10 -3.31 -23.11
N GLY M 121 -29.42 -3.59 -24.22
CA GLY M 121 -30.09 -3.82 -25.49
C GLY M 121 -29.62 -5.20 -25.86
N TYR M 122 -28.84 -5.31 -26.95
CA TYR M 122 -28.31 -6.60 -27.32
C TYR M 122 -27.22 -6.88 -26.27
N TRP M 123 -26.61 -5.78 -25.81
CA TRP M 123 -25.56 -5.85 -24.82
C TRP M 123 -25.70 -4.76 -23.76
N LEU M 124 -24.91 -4.87 -22.70
CA LEU M 124 -24.92 -3.87 -21.64
C LEU M 124 -24.42 -2.56 -22.24
N ASP M 125 -25.29 -1.57 -22.35
CA ASP M 125 -24.92 -0.29 -22.93
C ASP M 125 -24.03 0.49 -22.00
N TYR M 126 -24.43 0.54 -20.72
CA TYR M 126 -23.68 1.25 -19.69
C TYR M 126 -24.30 0.91 -18.35
N PHE M 127 -23.64 1.35 -17.28
CA PHE M 127 -24.17 1.12 -15.94
C PHE M 127 -23.57 2.11 -14.96
N SER M 128 -24.25 2.26 -13.83
CA SER M 128 -23.82 3.13 -12.76
C SER M 128 -23.90 2.31 -11.49
N ILE M 129 -23.17 2.75 -10.47
CA ILE M 129 -23.12 2.04 -9.20
C ILE M 129 -23.53 2.90 -8.01
N TYR M 130 -24.33 2.34 -7.12
CA TYR M 130 -24.77 3.02 -5.91
C TYR M 130 -23.71 2.71 -4.85
N LEU M 131 -23.24 3.73 -4.14
CA LEU M 131 -22.24 3.53 -3.09
C LEU M 131 -22.77 3.97 -1.74
N SER M 132 -22.35 3.29 -0.68
CA SER M 132 -22.81 3.62 0.65
C SER M 132 -21.91 2.97 1.69
N LEU M 133 -22.01 3.47 2.92
CA LEU M 133 -21.26 2.88 4.02
C LEU M 133 -22.21 1.83 4.54
N ARG N 1 -36.20 18.91 -0.88
CA ARG N 1 -36.41 18.26 0.44
C ARG N 1 -37.67 17.40 0.43
N ASN N 2 -37.52 16.12 0.11
CA ASN N 2 -38.65 15.19 0.08
C ASN N 2 -38.35 13.96 0.93
N GLY N 3 -39.32 13.06 1.03
CA GLY N 3 -39.13 11.87 1.85
C GLY N 3 -38.39 10.73 1.18
N LYS N 4 -37.72 11.03 0.07
CA LYS N 4 -36.99 10.02 -0.67
C LYS N 4 -35.51 9.98 -0.25
N SER N 5 -35.08 8.87 0.31
CA SER N 5 -33.69 8.72 0.74
C SER N 5 -32.77 8.87 -0.47
N GLN N 6 -31.70 9.63 -0.29
CA GLN N 6 -30.72 9.86 -1.36
C GLN N 6 -29.57 8.88 -1.30
N SER N 7 -28.89 8.69 -2.43
CA SER N 7 -27.77 7.78 -2.51
C SER N 7 -26.64 8.36 -3.33
N ILE N 8 -25.41 7.97 -3.00
CA ILE N 8 -24.26 8.41 -3.76
C ILE N 8 -24.24 7.45 -4.95
N ILE N 9 -24.14 8.02 -6.15
CA ILE N 9 -24.10 7.21 -7.37
C ILE N 9 -22.96 7.72 -8.24
N VAL N 10 -22.04 6.83 -8.62
CA VAL N 10 -20.92 7.24 -9.44
C VAL N 10 -21.18 7.01 -10.92
N GLY N 11 -21.22 8.14 -11.64
CA GLY N 11 -21.47 8.21 -13.08
C GLY N 11 -21.35 6.94 -13.86
N PRO N 12 -22.04 6.85 -15.00
CA PRO N 12 -22.04 5.67 -15.87
C PRO N 12 -20.75 5.43 -16.65
N TRP N 13 -20.52 4.16 -16.97
CA TRP N 13 -19.36 3.72 -17.74
C TRP N 13 -19.93 2.98 -18.94
N GLY N 14 -19.43 3.31 -20.13
CA GLY N 14 -19.90 2.67 -21.35
C GLY N 14 -20.84 3.58 -22.13
N ASP N 15 -21.21 4.70 -21.54
CA ASP N 15 -22.13 5.65 -22.15
C ASP N 15 -21.34 6.72 -22.92
N GLY O 1 19.56 -31.50 17.87
CA GLY O 1 19.11 -32.00 16.54
C GLY O 1 20.24 -32.00 15.52
N VAL O 2 19.96 -32.48 14.32
CA VAL O 2 20.98 -32.53 13.28
C VAL O 2 20.92 -31.26 12.42
N THR O 3 22.01 -30.50 12.41
CA THR O 3 22.05 -29.28 11.61
C THR O 3 22.13 -29.59 10.13
N PHE O 4 21.58 -28.70 9.31
CA PHE O 4 21.62 -28.85 7.86
C PHE O 4 21.75 -27.47 7.23
N ASP O 5 22.24 -27.43 5.98
CA ASP O 5 22.42 -26.17 5.27
C ASP O 5 22.43 -26.51 3.79
N ASP O 6 21.31 -26.26 3.12
CA ASP O 6 21.20 -26.55 1.70
C ASP O 6 22.09 -25.65 0.83
N GLY O 7 22.39 -24.46 1.35
CA GLY O 7 23.20 -23.54 0.58
C GLY O 7 22.28 -22.69 -0.27
N ALA O 8 22.83 -22.00 -1.25
CA ALA O 8 22.05 -21.12 -2.12
C ALA O 8 21.88 -21.62 -3.54
N TYR O 9 20.73 -21.30 -4.13
CA TYR O 9 20.37 -21.69 -5.49
C TYR O 9 19.77 -20.48 -6.22
N THR O 10 19.02 -20.71 -7.31
CA THR O 10 18.44 -19.59 -8.04
C THR O 10 16.94 -19.42 -7.90
N GLY O 11 16.34 -20.18 -6.98
CA GLY O 11 14.91 -20.08 -6.78
C GLY O 11 14.37 -21.33 -6.11
N ILE O 12 13.06 -21.36 -5.89
CA ILE O 12 12.41 -22.49 -5.25
C ILE O 12 11.28 -23.06 -6.12
N ARG O 13 11.30 -24.37 -6.32
CA ARG O 13 10.25 -25.02 -7.12
C ARG O 13 9.26 -25.78 -6.24
N GLU O 14 9.76 -26.35 -5.15
CA GLU O 14 8.87 -27.11 -4.26
C GLU O 14 9.39 -27.24 -2.84
N ILE O 15 8.45 -27.28 -1.89
CA ILE O 15 8.80 -27.45 -0.48
C ILE O 15 7.96 -28.55 0.15
N ASN O 16 8.62 -29.58 0.68
CA ASN O 16 7.91 -30.66 1.33
C ASN O 16 8.35 -30.70 2.78
N PHE O 17 7.39 -30.70 3.70
CA PHE O 17 7.70 -30.75 5.11
C PHE O 17 6.59 -31.44 5.92
N GLU O 18 6.94 -31.89 7.11
CA GLU O 18 6.01 -32.59 7.99
C GLU O 18 5.54 -31.68 9.11
N TYR O 19 4.38 -31.99 9.66
CA TYR O 19 3.81 -31.22 10.76
C TYR O 19 2.88 -32.12 11.58
N ASN O 20 2.64 -31.74 12.83
CA ASN O 20 1.77 -32.51 13.72
C ASN O 20 0.88 -31.56 14.49
N SER O 21 -0.43 -31.63 14.23
CA SER O 21 -1.42 -30.77 14.88
C SER O 21 -1.37 -30.72 16.40
N GLU O 22 -0.44 -31.46 17.01
CA GLU O 22 -0.33 -31.46 18.46
C GLU O 22 1.06 -31.10 18.96
N THR O 23 2.07 -31.32 18.13
CA THR O 23 3.43 -31.00 18.53
C THR O 23 4.03 -29.84 17.72
N ALA O 24 4.80 -30.17 16.68
CA ALA O 24 5.43 -29.13 15.87
C ALA O 24 5.81 -29.62 14.49
N ILE O 25 6.55 -28.79 13.76
CA ILE O 25 7.00 -29.12 12.42
C ILE O 25 8.06 -30.22 12.48
N GLY O 26 8.01 -31.12 11.50
CA GLY O 26 8.98 -32.21 11.47
C GLY O 26 10.06 -32.04 10.41
N GLY O 27 10.18 -33.03 9.54
CA GLY O 27 11.20 -32.99 8.50
C GLY O 27 10.92 -31.99 7.39
N LEU O 28 11.97 -31.69 6.62
CA LEU O 28 11.87 -30.73 5.53
C LEU O 28 12.76 -31.15 4.37
N ARG O 29 12.22 -31.06 3.16
CA ARG O 29 12.97 -31.39 1.95
C ARG O 29 12.58 -30.33 0.92
N VAL O 30 13.58 -29.65 0.37
CA VAL O 30 13.29 -28.61 -0.60
C VAL O 30 13.82 -28.88 -2.00
N THR O 31 12.98 -28.60 -2.99
CA THR O 31 13.40 -28.74 -4.39
C THR O 31 13.62 -27.33 -4.90
N TYR O 32 14.89 -27.01 -5.16
CA TYR O 32 15.26 -25.68 -5.65
C TYR O 32 15.37 -25.64 -7.16
N ASP O 33 15.49 -24.44 -7.69
CA ASP O 33 15.71 -24.30 -9.11
C ASP O 33 17.17 -23.94 -9.19
N LEU O 34 17.89 -24.58 -10.09
CA LEU O 34 19.30 -24.28 -10.27
C LEU O 34 19.47 -23.94 -11.74
N ASN O 35 19.53 -22.65 -12.03
CA ASN O 35 19.70 -22.17 -13.38
C ASN O 35 18.71 -22.75 -14.38
N GLY O 36 17.43 -22.77 -14.01
CA GLY O 36 16.41 -23.27 -14.90
C GLY O 36 16.02 -24.74 -14.79
N MET O 37 16.74 -25.51 -13.98
CA MET O 37 16.42 -26.93 -13.82
C MET O 37 16.21 -27.29 -12.34
N PRO O 38 15.30 -28.25 -12.08
CA PRO O 38 15.03 -28.66 -10.70
C PRO O 38 16.26 -29.22 -10.02
N PHE O 39 16.37 -28.99 -8.72
CA PHE O 39 17.47 -29.52 -7.94
C PHE O 39 16.89 -29.92 -6.59
N VAL O 40 16.66 -31.22 -6.43
CA VAL O 40 16.10 -31.74 -5.19
C VAL O 40 17.22 -31.76 -4.16
N ALA O 41 17.07 -30.96 -3.13
CA ALA O 41 18.06 -30.90 -2.07
C ALA O 41 17.88 -32.12 -1.17
N GLU O 42 18.78 -32.26 -0.21
CA GLU O 42 18.79 -33.34 0.75
C GLU O 42 17.54 -33.39 1.64
N ASP O 43 17.08 -34.59 1.97
CA ASP O 43 15.90 -34.74 2.83
C ASP O 43 16.32 -34.65 4.29
N HIS O 44 15.84 -33.63 4.99
CA HIS O 44 16.18 -33.44 6.40
C HIS O 44 15.06 -34.06 7.21
N LYS O 45 15.31 -35.28 7.67
CA LYS O 45 14.35 -36.08 8.42
C LYS O 45 14.29 -35.84 9.92
N SER O 46 13.09 -36.05 10.45
CA SER O 46 12.85 -35.94 11.88
C SER O 46 13.31 -37.26 12.50
N PHE O 47 13.61 -37.23 13.80
CA PHE O 47 14.06 -38.44 14.51
C PHE O 47 12.89 -39.38 14.73
N ILE O 48 11.67 -38.87 14.59
CA ILE O 48 10.48 -39.67 14.80
C ILE O 48 9.52 -39.61 13.63
N THR O 49 8.42 -40.34 13.73
CA THR O 49 7.41 -40.37 12.68
C THR O 49 6.06 -39.97 13.26
N GLY O 50 5.00 -40.15 12.47
CA GLY O 50 3.68 -39.81 12.94
C GLY O 50 3.25 -38.42 12.51
N PHE O 51 3.94 -37.88 11.51
CA PHE O 51 3.64 -36.55 11.00
C PHE O 51 2.68 -36.59 9.81
N LYS O 52 2.32 -35.40 9.33
CA LYS O 52 1.43 -35.27 8.18
C LYS O 52 2.16 -34.48 7.10
N PRO O 53 2.71 -35.16 6.09
CA PRO O 53 3.43 -34.48 5.02
C PRO O 53 2.57 -33.52 4.19
N VAL O 54 3.18 -32.41 3.81
CA VAL O 54 2.51 -31.40 2.99
C VAL O 54 3.47 -31.09 1.85
N LYS O 55 2.95 -31.08 0.62
CA LYS O 55 3.78 -30.80 -0.53
C LYS O 55 3.35 -29.53 -1.25
N ILE O 56 4.16 -28.49 -1.10
CA ILE O 56 3.88 -27.21 -1.74
C ILE O 56 4.64 -27.19 -3.06
N SER O 57 3.90 -27.24 -4.15
CA SER O 57 4.51 -27.20 -5.47
C SER O 57 4.24 -25.82 -6.04
N LEU O 58 5.29 -25.00 -6.10
CA LEU O 58 5.15 -23.65 -6.62
C LEU O 58 5.21 -23.67 -8.13
N GLU O 59 4.44 -22.80 -8.77
CA GLU O 59 4.46 -22.73 -10.22
C GLU O 59 5.68 -21.88 -10.56
N PHE O 60 6.87 -22.46 -10.39
CA PHE O 60 8.08 -21.72 -10.70
C PHE O 60 7.89 -21.12 -12.04
N PRO O 61 8.34 -19.86 -12.22
CA PRO O 61 8.82 -18.49 -12.41
C PRO O 61 7.78 -17.50 -11.92
N SER O 62 6.53 -17.68 -12.38
CA SER O 62 5.46 -16.77 -12.01
C SER O 62 5.14 -16.75 -10.52
N GLU O 63 5.24 -17.89 -9.86
CA GLU O 63 4.95 -17.94 -8.44
C GLU O 63 6.19 -18.09 -7.57
N TYR O 64 6.27 -17.29 -6.51
CA TYR O 64 7.39 -17.31 -5.59
C TYR O 64 6.91 -16.84 -4.22
N ILE O 65 7.62 -17.26 -3.17
CA ILE O 65 7.25 -16.90 -1.80
C ILE O 65 7.53 -15.43 -1.48
N VAL O 66 6.55 -14.75 -0.90
CA VAL O 66 6.70 -13.35 -0.53
C VAL O 66 6.71 -13.19 0.98
N GLU O 67 6.41 -14.26 1.69
CA GLU O 67 6.45 -14.21 3.15
C GLU O 67 6.44 -15.59 3.80
N VAL O 68 7.28 -15.74 4.81
CA VAL O 68 7.37 -16.96 5.59
C VAL O 68 7.10 -16.52 7.01
N SER O 69 6.21 -17.21 7.70
CA SER O 69 5.87 -16.85 9.07
C SER O 69 5.47 -18.12 9.80
N GLY O 70 5.31 -18.01 11.12
CA GLY O 70 4.91 -19.17 11.89
C GLY O 70 5.01 -18.92 13.38
N TYR O 71 4.93 -20.00 14.16
CA TYR O 71 5.01 -19.90 15.61
C TYR O 71 6.14 -20.72 16.20
N VAL O 72 6.77 -20.16 17.23
CA VAL O 72 7.86 -20.83 17.93
C VAL O 72 7.35 -21.13 19.35
N GLY O 73 7.54 -22.37 19.78
CA GLY O 73 7.08 -22.75 21.10
C GLY O 73 7.85 -23.94 21.67
N LYS O 74 7.48 -24.35 22.87
CA LYS O 74 8.14 -25.47 23.50
C LYS O 74 7.35 -26.76 23.35
N VAL O 75 8.07 -27.84 23.12
CA VAL O 75 7.48 -29.16 22.98
C VAL O 75 8.43 -30.11 23.67
N GLU O 76 7.93 -30.80 24.69
CA GLU O 76 8.75 -31.76 25.41
C GLU O 76 9.97 -31.04 25.98
N GLY O 77 9.79 -29.77 26.29
CA GLY O 77 10.88 -28.99 26.85
C GLY O 77 11.78 -28.30 25.84
N TYR O 78 11.61 -28.61 24.56
CA TYR O 78 12.45 -28.00 23.53
C TYR O 78 11.76 -26.88 22.76
N THR O 79 12.51 -25.81 22.50
CA THR O 79 11.99 -24.68 21.74
C THR O 79 12.14 -25.04 20.27
N VAL O 80 11.01 -25.15 19.57
CA VAL O 80 11.02 -25.51 18.16
C VAL O 80 9.96 -24.74 17.37
N ILE O 81 10.03 -24.85 16.04
CA ILE O 81 9.05 -24.20 15.18
C ILE O 81 7.81 -25.10 15.21
N ARG O 82 6.72 -24.57 15.73
CA ARG O 82 5.49 -25.34 15.86
C ARG O 82 4.54 -25.15 14.70
N SER O 83 4.69 -24.05 13.97
CA SER O 83 3.80 -23.77 12.87
C SER O 83 4.50 -23.05 11.73
N LEU O 84 3.94 -23.20 10.52
CA LEU O 84 4.51 -22.55 9.35
C LEU O 84 3.43 -22.13 8.36
N THR O 85 3.64 -20.98 7.72
CA THR O 85 2.72 -20.46 6.72
C THR O 85 3.57 -19.86 5.60
N PHE O 86 3.36 -20.33 4.37
CA PHE O 86 4.09 -19.81 3.23
C PHE O 86 3.13 -19.07 2.33
N LYS O 87 3.40 -17.79 2.12
CA LYS O 87 2.57 -16.96 1.27
C LYS O 87 3.35 -16.64 0.00
N THR O 88 2.69 -16.81 -1.15
CA THR O 88 3.31 -16.51 -2.44
C THR O 88 2.57 -15.34 -3.06
N ASN O 89 2.95 -14.97 -4.27
CA ASN O 89 2.30 -13.85 -4.94
C ASN O 89 0.97 -14.33 -5.51
N LYS O 90 0.75 -15.64 -5.48
CA LYS O 90 -0.48 -16.22 -6.01
C LYS O 90 -1.46 -16.62 -4.92
N GLN O 91 -0.98 -17.27 -3.87
CA GLN O 91 -1.86 -17.72 -2.80
C GLN O 91 -1.13 -17.94 -1.48
N THR O 92 -1.88 -18.39 -0.48
CA THR O 92 -1.31 -18.67 0.82
C THR O 92 -1.47 -20.14 1.19
N TYR O 93 -0.35 -20.79 1.46
CA TYR O 93 -0.42 -22.19 1.85
C TYR O 93 -0.61 -22.13 3.36
N GLY O 94 -1.88 -22.01 3.72
CA GLY O 94 -2.37 -21.89 5.09
C GLY O 94 -1.51 -22.43 6.20
N PRO O 95 -1.83 -22.09 7.46
CA PRO O 95 -1.10 -22.54 8.63
C PRO O 95 -1.04 -24.06 8.73
N TYR O 96 0.14 -24.59 9.02
CA TYR O 96 0.33 -26.02 9.20
C TYR O 96 1.00 -26.20 10.55
N GLY O 97 0.40 -27.02 11.41
CA GLY O 97 0.97 -27.23 12.72
C GLY O 97 0.21 -26.52 13.83
N VAL O 98 0.89 -26.27 14.95
CA VAL O 98 0.27 -25.59 16.09
C VAL O 98 0.62 -24.12 16.14
N THR O 99 -0.37 -23.27 15.87
CA THR O 99 -0.16 -21.83 15.89
C THR O 99 -0.20 -21.23 17.30
N ASN O 100 0.64 -21.77 18.19
CA ASN O 100 0.71 -21.28 19.57
C ASN O 100 2.16 -20.98 19.93
N GLY O 101 2.35 -19.97 20.75
CA GLY O 101 3.70 -19.60 21.16
C GLY O 101 4.05 -18.20 20.71
N THR O 102 5.33 -17.99 20.40
CA THR O 102 5.81 -16.69 19.96
C THR O 102 5.83 -16.64 18.43
N PRO O 103 5.05 -15.74 17.83
CA PRO O 103 5.00 -15.63 16.36
C PRO O 103 6.27 -15.01 15.77
N PHE O 104 6.47 -15.25 14.49
CA PHE O 104 7.62 -14.69 13.77
C PHE O 104 7.22 -14.53 12.31
N SER O 105 7.81 -13.56 11.63
CA SER O 105 7.47 -13.37 10.24
C SER O 105 8.59 -12.73 9.45
N LEU O 106 8.73 -13.19 8.21
CA LEU O 106 9.72 -12.63 7.32
C LEU O 106 9.03 -12.29 6.00
N PRO O 107 8.47 -11.08 5.89
CA PRO O 107 7.80 -10.64 4.67
C PRO O 107 8.93 -10.17 3.76
N ILE O 108 8.81 -10.39 2.46
CA ILE O 108 9.84 -9.97 1.51
C ILE O 108 9.23 -8.98 0.54
N GLU O 109 9.66 -7.72 0.65
CA GLU O 109 9.19 -6.65 -0.21
C GLU O 109 9.85 -6.78 -1.57
N ASN O 110 11.15 -7.08 -1.56
CA ASN O 110 11.88 -7.27 -2.81
C ASN O 110 13.02 -8.25 -2.60
N GLY O 111 13.09 -9.25 -3.46
CA GLY O 111 14.13 -10.26 -3.34
C GLY O 111 13.50 -11.63 -3.33
N LEU O 112 14.34 -12.67 -3.28
CA LEU O 112 13.86 -14.03 -3.30
C LEU O 112 14.58 -14.94 -2.31
N ILE O 113 13.84 -15.93 -1.81
CA ILE O 113 14.41 -16.92 -0.91
C ILE O 113 15.09 -17.87 -1.88
N VAL O 114 16.37 -18.15 -1.66
CA VAL O 114 17.11 -19.06 -2.53
C VAL O 114 17.82 -20.17 -1.77
N GLY O 115 17.39 -20.40 -0.53
CA GLY O 115 18.00 -21.46 0.26
C GLY O 115 17.53 -21.49 1.70
N PHE O 116 17.68 -22.65 2.32
CA PHE O 116 17.29 -22.86 3.71
C PHE O 116 18.40 -23.59 4.45
N LYS O 117 18.51 -23.33 5.75
CA LYS O 117 19.48 -24.02 6.58
C LYS O 117 18.87 -24.04 7.98
N GLY O 118 19.38 -24.88 8.86
CA GLY O 118 18.83 -24.95 10.20
C GLY O 118 19.20 -26.21 10.95
N SER O 119 18.21 -26.80 11.62
CA SER O 119 18.43 -28.00 12.40
C SER O 119 17.14 -28.76 12.66
N ILE O 120 17.22 -30.08 12.63
CA ILE O 120 16.05 -30.90 12.89
C ILE O 120 16.40 -32.10 13.76
N GLY O 121 15.64 -32.27 14.84
CA GLY O 121 15.84 -33.39 15.73
C GLY O 121 14.50 -34.09 15.69
N TYR O 122 13.75 -34.04 16.79
CA TYR O 122 12.42 -34.63 16.81
C TYR O 122 11.55 -33.70 15.97
N TRP O 123 11.90 -32.41 15.99
CA TRP O 123 11.17 -31.40 15.25
C TRP O 123 12.14 -30.34 14.72
N LEU O 124 11.64 -29.43 13.90
CA LEU O 124 12.46 -28.36 13.35
C LEU O 124 12.86 -27.46 14.52
N ASP O 125 14.13 -27.50 14.91
CA ASP O 125 14.63 -26.72 16.03
C ASP O 125 14.70 -25.23 15.70
N TYR O 126 15.15 -24.94 14.49
CA TYR O 126 15.27 -23.56 14.02
C TYR O 126 15.69 -23.59 12.56
N PHE O 127 15.63 -22.45 11.90
CA PHE O 127 16.01 -22.37 10.51
C PHE O 127 16.31 -20.93 10.12
N SER O 128 17.11 -20.78 9.08
CA SER O 128 17.47 -19.47 8.55
C SER O 128 17.16 -19.49 7.07
N ILE O 129 17.12 -18.30 6.47
CA ILE O 129 16.78 -18.18 5.06
C ILE O 129 17.81 -17.42 4.23
N TYR O 130 18.17 -17.99 3.08
CA TYR O 130 19.10 -17.36 2.16
C TYR O 130 18.28 -16.41 1.28
N LEU O 131 18.68 -15.15 1.19
CA LEU O 131 17.96 -14.19 0.35
C LEU O 131 18.84 -13.64 -0.76
N SER O 132 18.26 -13.40 -1.92
CA SER O 132 19.01 -12.86 -3.04
C SER O 132 18.11 -12.23 -4.10
N LEU O 133 18.71 -11.39 -4.93
CA LEU O 133 17.98 -10.79 -6.04
C LEU O 133 18.12 -11.83 -7.15
N ARG P 1 39.79 -12.84 2.07
CA ARG P 1 38.94 -13.00 0.85
C ARG P 1 39.25 -14.32 0.15
N ASN P 2 38.22 -15.13 -0.06
CA ASN P 2 38.39 -16.42 -0.72
C ASN P 2 37.48 -16.56 -1.95
N GLY P 3 37.50 -17.75 -2.56
CA GLY P 3 36.69 -17.98 -3.75
C GLY P 3 35.29 -18.50 -3.50
N LYS P 4 34.85 -18.41 -2.25
CA LYS P 4 33.53 -18.88 -1.87
C LYS P 4 32.52 -17.74 -1.98
N SER P 5 31.56 -17.87 -2.89
CA SER P 5 30.55 -16.83 -3.07
C SER P 5 29.74 -16.64 -1.78
N GLN P 6 29.54 -15.39 -1.39
CA GLN P 6 28.81 -15.06 -0.16
C GLN P 6 27.31 -14.90 -0.40
N SER P 7 26.52 -14.99 0.68
CA SER P 7 25.07 -14.85 0.58
C SER P 7 24.49 -14.14 1.78
N ILE P 8 23.38 -13.45 1.56
CA ILE P 8 22.69 -12.77 2.64
C ILE P 8 21.84 -13.86 3.32
N ILE P 9 21.94 -13.96 4.64
CA ILE P 9 21.16 -14.96 5.37
C ILE P 9 20.51 -14.26 6.55
N VAL P 10 19.19 -14.42 6.68
CA VAL P 10 18.51 -13.78 7.80
C VAL P 10 18.31 -14.74 8.95
N GLY P 11 18.90 -14.32 10.07
CA GLY P 11 18.94 -15.01 11.35
C GLY P 11 18.00 -16.17 11.58
N PRO P 12 18.34 -17.05 12.51
CA PRO P 12 17.50 -18.22 12.81
C PRO P 12 16.27 -17.83 13.60
N TRP P 13 15.17 -18.53 13.34
CA TRP P 13 13.93 -18.33 14.07
C TRP P 13 13.66 -19.65 14.79
N GLY P 14 13.33 -19.57 16.08
CA GLY P 14 13.05 -20.75 16.87
C GLY P 14 14.28 -21.20 17.64
N ASP P 15 15.38 -20.49 17.42
CA ASP P 15 16.65 -20.80 18.06
C ASP P 15 16.64 -20.36 19.52
C8 LEC Q . 12.10 6.86 -3.60
C7 LEC Q . 10.89 7.42 -4.34
O7 LEC Q . 9.94 7.87 -3.67
N2 LEC Q . 10.88 7.44 -5.68
C2 LEC Q . 9.74 7.96 -6.45
C3 LEC Q . 8.92 6.82 -7.09
O3 LEC Q . 8.43 5.93 -6.07
C4 LEC Q . 7.74 7.43 -7.88
O4 LEC Q . 6.93 8.14 -6.96
C5 LEC Q . 8.30 8.39 -8.97
C6 LEC Q . 7.16 9.03 -9.81
O6 LEC Q . 6.56 10.11 -9.11
O5 LEC Q . 9.12 9.44 -8.34
C1 LEC Q . 10.25 8.91 -7.54
O1 LEC Q . 11.16 8.24 -8.40
C1' LEC Q . 12.00 8.75 -9.45
C2' LEC Q . 13.42 8.65 -9.33
C3' LEC Q . 14.23 9.16 -10.37
C4' LEC Q . 13.65 9.76 -11.53
N1' LEC Q . 14.46 10.27 -12.56
O2' LEC Q . 13.95 10.81 -13.58
O1' LEC Q . 15.71 10.20 -12.46
C5' LEC Q . 12.23 9.86 -11.64
C6' LEC Q . 11.41 9.35 -10.60
C8 LEC R . 53.47 12.98 -8.91
C7 LEC R . 52.43 12.52 -9.92
O7 LEC R . 51.28 12.26 -9.54
N2 LEC R . 52.78 12.39 -11.21
C2 LEC R . 51.84 11.94 -12.22
C3 LEC R . 52.14 10.49 -12.71
O3 LEC R . 52.09 9.58 -11.59
C4 LEC R . 51.10 10.09 -13.77
O4 LEC R . 49.81 10.12 -13.16
C5 LEC R . 51.18 11.08 -14.96
C6 LEC R . 50.17 10.73 -16.07
O6 LEC R . 48.87 11.19 -15.73
O5 LEC R . 50.95 12.45 -14.48
C1 LEC R . 51.88 12.90 -13.42
O1 LEC R . 53.18 12.92 -13.95
C1' LEC R . 53.78 13.80 -14.89
C2' LEC R . 54.82 14.67 -14.46
C3' LEC R . 55.41 15.55 -15.39
C4' LEC R . 54.98 15.56 -16.75
N1' LEC R . 55.56 16.43 -17.67
O2' LEC R . 55.18 16.44 -18.88
O1' LEC R . 56.48 17.20 -17.31
C5' LEC R . 53.93 14.69 -17.17
C6' LEC R . 53.33 13.81 -16.23
C8 LEC S . -32.38 39.78 23.37
C7 LEC S . -31.91 38.39 23.77
O7 LEC S . -31.10 37.79 23.06
N2 LEC S . -32.40 37.83 24.88
C2 LEC S . -32.02 36.50 25.34
C3 LEC S . -33.17 35.49 25.18
O3 LEC S . -33.56 35.44 23.79
C4 LEC S . -32.73 34.10 25.69
O4 LEC S . -31.59 33.70 24.91
C5 LEC S . -32.34 34.24 27.19
C6 LEC S . -31.89 32.89 27.79
O6 LEC S . -30.62 32.48 27.30
O5 LEC S . -31.25 35.22 27.32
C1 LEC S . -31.58 36.55 26.80
O1 LEC S . -32.58 37.11 27.62
C1' LEC S . -32.37 37.85 28.77
C2' LEC S . -32.12 39.25 28.65
C3' LEC S . -31.89 40.02 29.81
C4' LEC S . -31.92 39.40 31.08
N1' LEC S . -31.69 40.16 32.22
O2' LEC S . -31.70 39.63 33.34
O1' LEC S . -31.44 41.39 32.11
C5' LEC S . -32.19 38.01 31.20
C6' LEC S . -32.41 37.23 30.04
C8 LEC T . -4.80 10.64 8.39
C7 LEC T . -3.68 9.86 9.06
O7 LEC T . -2.58 9.76 8.50
N2 LEC T . -3.90 9.27 10.24
C2 LEC T . -2.87 8.49 10.94
C3 LEC T . -3.13 6.97 10.81
O3 LEC T . -3.18 6.59 9.43
C4 LEC T . -2.02 6.20 11.55
O4 LEC T . -0.78 6.52 10.92
C5 LEC T . -1.99 6.63 13.05
C6 LEC T . -0.90 5.89 13.84
O6 LEC T . 0.38 6.44 13.58
O5 LEC T . -1.79 8.09 13.15
C1 LEC T . -2.81 8.89 12.44
O1 LEC T . -4.07 8.70 13.06
C1' LEC T . -4.52 9.08 14.35
C2' LEC T . -5.63 9.95 14.49
C3' LEC T . -6.09 10.32 15.77
C4' LEC T . -5.44 9.82 16.95
N1' LEC T . -5.88 10.19 18.22
O2' LEC T . -5.31 9.76 19.25
O1' LEC T . -6.85 10.98 18.35
C5' LEC T . -4.33 8.94 16.81
C6' LEC T . -3.88 8.57 15.53
C8 LEC U . -42.76 -13.50 28.23
C7 LEC U . -42.99 -12.09 27.71
O7 LEC U . -42.56 -11.78 26.59
N2 LEC U . -43.66 -11.19 28.48
C2 LEC U . -43.92 -9.83 28.03
C3 LEC U . -42.96 -8.81 28.73
O3 LEC U . -41.59 -9.15 28.47
C4 LEC U . -43.28 -7.39 28.23
O4 LEC U . -43.02 -7.34 26.82
C5 LEC U . -44.76 -7.05 28.53
C6 LEC U . -45.14 -5.64 28.04
O6 LEC U . -45.31 -5.63 26.63
O5 LEC U . -45.65 -8.06 27.90
C1 LEC U . -45.38 -9.44 28.32
O1 LEC U . -45.66 -9.54 29.72
C1' LEC U . -46.91 -9.56 30.43
C2' LEC U . -47.33 -10.75 31.09
C3' LEC U . -48.57 -10.76 31.78
C4' LEC U . -49.40 -9.59 31.82
N1' LEC U . -50.62 -9.61 32.50
O2' LEC U . -51.35 -8.58 32.52
O1' LEC U . -51.01 -10.65 33.09
C5' LEC U . -48.97 -8.41 31.15
C6' LEC U . -47.72 -8.40 30.45
C8 LEC V . 26.37 -24.76 -38.58
C7 LEC V . 27.35 -24.14 -37.60
O7 LEC V . 27.02 -24.02 -36.41
N2 LEC V . 28.56 -23.71 -38.02
C2 LEC V . 29.53 -23.10 -37.14
C3 LEC V . 29.47 -21.55 -37.17
O3 LEC V . 28.16 -21.09 -36.81
C4 LEC V . 30.53 -20.96 -36.20
O4 LEC V . 30.21 -21.38 -34.87
C5 LEC V . 31.93 -21.47 -36.62
C6 LEC V . 33.02 -20.91 -35.68
O6 LEC V . 33.43 -21.89 -34.73
O5 LEC V . 31.96 -22.94 -36.63
C1 LEC V . 30.96 -23.56 -37.52
O1 LEC V . 31.26 -23.22 -38.87
C1' LEC V . 32.31 -23.64 -39.73
C2' LEC V . 32.01 -24.34 -40.94
C3' LEC V . 33.06 -24.77 -41.79
C4' LEC V . 34.42 -24.51 -41.45
N1' LEC V . 35.46 -24.94 -42.30
O2' LEC V . 36.66 -24.71 -41.99
O1' LEC V . 35.19 -25.55 -43.36
C5' LEC V . 34.72 -23.82 -40.25
C6' LEC V . 33.67 -23.38 -39.39
C8 LEC W . -34.09 -0.45 -30.50
C7 LEC W . -32.98 -0.80 -29.52
O7 LEC W . -33.24 -0.89 -28.31
N2 LEC W . -31.74 -1.00 -29.98
C2 LEC W . -30.61 -1.33 -29.11
C3 LEC W . -29.59 -0.17 -29.04
O3 LEC W . -30.22 1.03 -28.56
C4 LEC W . -28.42 -0.57 -28.12
O4 LEC W . -28.91 -0.75 -26.79
C5 LEC W . -27.75 -1.86 -28.66
C6 LEC W . -26.58 -2.31 -27.77
O6 LEC W . -27.03 -3.12 -26.69
O5 LEC W . -28.75 -2.94 -28.78
C1 LEC W . -29.91 -2.61 -29.63
O1 LEC W . -29.45 -2.40 -30.95
C1' LEC W . -29.06 -3.31 -31.97
C2' LEC W . -29.88 -3.49 -33.13
C3' LEC W . -29.50 -4.39 -34.13
C4' LEC W . -28.29 -5.14 -34.02
N1' LEC W . -27.90 -6.05 -35.02
O2' LEC W . -26.83 -6.70 -34.91
O1' LEC W . -28.62 -6.21 -36.04
C5' LEC W . -27.46 -4.96 -32.87
C6' LEC W . -27.85 -4.05 -31.85
#